data_4ZVB
#
_entry.id   4ZVB
#
_cell.length_a   47.960
_cell.length_b   58.270
_cell.length_c   59.400
_cell.angle_alpha   79.52
_cell.angle_beta   75.69
_cell.angle_gamma   75.29
#
_symmetry.space_group_name_H-M   'P 1'
#
loop_
_entity.id
_entity.type
_entity.pdbx_description
1 polymer 'Diguanylate cyclase DosC'
2 non-polymer 'PROTOPORPHYRIN IX CONTAINING FE'
3 water water
#
_entity_poly.entity_id   1
_entity_poly.type   'polypeptide(L)'
_entity_poly.pdbx_seq_one_letter_code
;MEMYFKRMKDEWTGLVEQADPPIRAKAAEIAVAHAHYLSIEFYRIVRIDPHAEEFLSNEQVERQLKSAMERWIINVLSAQ
VDDVERLIQIQHTVAEVHARIGIPVEIVEMGFRVLKKILYPVIFSSDYSAAEKLQVYHFSINSIDIAMEVMTRAFLEHHH
HHH
;
_entity_poly.pdbx_strand_id   A,B,C,D
#
loop_
_chem_comp.id
_chem_comp.type
_chem_comp.name
_chem_comp.formula
HEM non-polymer 'PROTOPORPHYRIN IX CONTAINING FE' 'C34 H32 Fe N4 O4'
#
# COMPACT_ATOMS: atom_id res chain seq x y z
N PHE A 5 1.28 26.87 -6.74
CA PHE A 5 2.70 26.59 -6.57
C PHE A 5 2.99 25.92 -5.23
N LYS A 6 2.34 26.41 -4.18
CA LYS A 6 2.56 25.89 -2.83
C LYS A 6 2.21 24.41 -2.77
N ARG A 7 1.11 24.04 -3.41
CA ARG A 7 0.66 22.66 -3.46
C ARG A 7 1.58 21.80 -4.33
N MET A 8 2.10 22.39 -5.40
CA MET A 8 3.02 21.68 -6.29
C MET A 8 4.39 21.48 -5.64
N LYS A 9 4.84 22.47 -4.89
CA LYS A 9 6.10 22.39 -4.18
C LYS A 9 6.06 21.29 -3.13
N ASP A 10 4.96 21.26 -2.36
CA ASP A 10 4.79 20.29 -1.30
C ASP A 10 4.75 18.86 -1.84
N GLU A 11 4.11 18.66 -2.98
CA GLU A 11 3.98 17.34 -3.56
C GLU A 11 5.29 16.83 -4.13
N TRP A 12 6.04 17.71 -4.78
CA TRP A 12 7.33 17.35 -5.36
C TRP A 12 8.35 17.13 -4.23
N THR A 13 8.26 17.96 -3.20
CA THR A 13 9.10 17.82 -2.02
C THR A 13 8.79 16.49 -1.33
N GLY A 14 7.50 16.18 -1.20
CA GLY A 14 7.06 14.94 -0.59
C GLY A 14 7.50 13.74 -1.40
N LEU A 15 7.54 13.88 -2.72
CA LEU A 15 8.00 12.81 -3.60
C LEU A 15 9.46 12.46 -3.33
N VAL A 16 10.27 13.48 -3.08
CA VAL A 16 11.68 13.27 -2.79
C VAL A 16 11.88 12.70 -1.39
N GLU A 17 11.14 13.23 -0.42
CA GLU A 17 11.27 12.78 0.96
C GLU A 17 10.79 11.35 1.13
N GLN A 18 9.67 11.02 0.51
CA GLN A 18 9.09 9.69 0.62
C GLN A 18 9.86 8.68 -0.23
N ALA A 19 10.80 9.17 -1.02
CA ALA A 19 11.67 8.28 -1.79
C ALA A 19 12.89 7.92 -0.95
N ASP A 20 13.17 6.62 -0.86
CA ASP A 20 14.29 6.12 -0.07
C ASP A 20 15.61 6.66 -0.58
N PRO A 21 16.45 7.20 0.32
CA PRO A 21 17.76 7.76 -0.04
C PRO A 21 18.66 6.86 -0.88
N PRO A 22 18.74 5.54 -0.59
CA PRO A 22 19.56 4.73 -1.51
C PRO A 22 18.93 4.63 -2.90
N ILE A 23 17.61 4.65 -2.97
CA ILE A 23 16.89 4.59 -4.24
C ILE A 23 17.14 5.85 -5.06
N ARG A 24 17.07 7.01 -4.41
CA ARG A 24 17.35 8.28 -5.08
C ARG A 24 18.79 8.36 -5.54
N ALA A 25 19.68 7.72 -4.78
CA ALA A 25 21.10 7.67 -5.14
C ALA A 25 21.30 6.84 -6.41
N LYS A 26 20.62 5.69 -6.46
CA LYS A 26 20.70 4.81 -7.62
C LYS A 26 20.04 5.43 -8.85
N ALA A 27 18.94 6.15 -8.62
CA ALA A 27 18.26 6.86 -9.69
C ALA A 27 19.17 7.93 -10.28
N ALA A 28 19.90 8.60 -9.39
CA ALA A 28 20.87 9.62 -9.80
C ALA A 28 22.01 8.97 -10.57
N GLU A 29 22.41 7.78 -10.13
CA GLU A 29 23.47 7.03 -10.79
C GLU A 29 23.06 6.63 -12.19
N ILE A 30 21.83 6.15 -12.33
CA ILE A 30 21.27 5.79 -13.64
C ILE A 30 21.24 7.00 -14.56
N ALA A 31 20.80 8.13 -14.01
CA ALA A 31 20.70 9.37 -14.77
C ALA A 31 22.05 9.80 -15.35
N VAL A 32 23.03 10.02 -14.48
CA VAL A 32 24.36 10.48 -14.89
C VAL A 32 24.99 9.55 -15.93
N ALA A 33 24.84 8.25 -15.73
CA ALA A 33 25.51 7.27 -16.59
C ALA A 33 24.85 7.13 -17.96
N HIS A 34 23.57 7.44 -18.06
CA HIS A 34 22.84 7.17 -19.30
C HIS A 34 22.08 8.37 -19.87
N ALA A 35 22.28 9.54 -19.28
CA ALA A 35 21.59 10.74 -19.76
C ALA A 35 21.98 11.08 -21.21
N HIS A 36 23.22 10.82 -21.56
CA HIS A 36 23.70 11.08 -22.92
C HIS A 36 22.95 10.23 -23.94
N TYR A 37 22.82 8.94 -23.64
CA TYR A 37 22.07 8.04 -24.52
C TYR A 37 20.60 8.40 -24.55
N LEU A 38 20.01 8.65 -23.39
CA LEU A 38 18.60 8.98 -23.29
C LEU A 38 18.26 10.22 -24.09
N SER A 39 19.15 11.20 -24.09
CA SER A 39 18.93 12.44 -24.83
C SER A 39 18.96 12.24 -26.34
N ILE A 40 20.00 11.54 -26.82
CA ILE A 40 20.15 11.31 -28.25
C ILE A 40 19.13 10.32 -28.81
N GLU A 41 18.75 9.34 -27.99
CA GLU A 41 17.72 8.38 -28.38
C GLU A 41 16.36 9.07 -28.43
N PHE A 42 16.14 9.98 -27.50
CA PHE A 42 14.93 10.80 -27.47
C PHE A 42 14.77 11.62 -28.74
N TYR A 43 15.86 12.24 -29.18
CA TYR A 43 15.84 13.14 -30.31
C TYR A 43 15.45 12.47 -31.62
N ARG A 44 16.07 11.33 -31.92
CA ARG A 44 15.82 10.66 -33.18
C ARG A 44 14.41 10.07 -33.24
N ILE A 45 13.94 9.50 -32.13
CA ILE A 45 12.62 8.88 -32.08
C ILE A 45 11.54 9.94 -32.27
N VAL A 46 11.74 11.10 -31.65
CA VAL A 46 10.81 12.21 -31.76
C VAL A 46 10.77 12.75 -33.19
N ARG A 47 11.94 12.93 -33.80
CA ARG A 47 12.02 13.51 -35.14
C ARG A 47 11.42 12.60 -36.21
N ILE A 48 11.23 11.33 -35.89
CA ILE A 48 10.56 10.40 -36.81
C ILE A 48 9.14 10.91 -37.10
N ASP A 49 8.48 11.37 -36.05
CA ASP A 49 7.15 11.97 -36.18
C ASP A 49 7.21 13.25 -37.01
N PRO A 50 6.45 13.30 -38.11
CA PRO A 50 6.42 14.43 -39.04
C PRO A 50 6.05 15.75 -38.35
N HIS A 51 5.10 15.68 -37.43
CA HIS A 51 4.62 16.87 -36.73
C HIS A 51 5.69 17.41 -35.78
N ALA A 52 6.60 16.53 -35.36
CA ALA A 52 7.67 16.89 -34.45
C ALA A 52 8.96 17.27 -35.18
N GLU A 53 9.18 16.68 -36.35
CA GLU A 53 10.40 16.90 -37.11
C GLU A 53 10.55 18.36 -37.56
N GLU A 54 9.41 19.01 -37.77
CA GLU A 54 9.40 20.38 -38.25
C GLU A 54 10.01 21.35 -37.24
N PHE A 55 10.02 20.96 -35.96
CA PHE A 55 10.62 21.79 -34.92
C PHE A 55 12.08 21.40 -34.64
N LEU A 56 12.44 20.17 -35.01
CA LEU A 56 13.80 19.69 -34.79
C LEU A 56 14.50 19.47 -36.12
N SER A 57 14.68 20.57 -36.85
CA SER A 57 15.23 20.52 -38.19
C SER A 57 16.73 20.78 -38.25
N ASN A 58 17.16 21.90 -37.68
CA ASN A 58 18.56 22.32 -37.83
C ASN A 58 19.53 21.65 -36.87
N GLU A 59 20.81 21.72 -37.22
CA GLU A 59 21.88 21.08 -36.47
C GLU A 59 22.18 21.80 -35.16
N GLN A 60 22.00 23.12 -35.17
CA GLN A 60 22.32 23.93 -33.99
C GLN A 60 21.39 23.61 -32.83
N VAL A 61 20.09 23.56 -33.10
CA VAL A 61 19.10 23.21 -32.08
C VAL A 61 19.36 21.80 -31.57
N GLU A 62 19.75 20.91 -32.46
CA GLU A 62 20.07 19.53 -32.10
C GLU A 62 21.12 19.48 -31.00
N ARG A 63 22.23 20.16 -31.19
CA ARG A 63 23.31 20.19 -30.22
C ARG A 63 22.85 20.86 -28.93
N GLN A 64 22.01 21.89 -29.07
CA GLN A 64 21.48 22.60 -27.92
C GLN A 64 20.47 21.78 -27.13
N LEU A 65 19.54 21.15 -27.84
CA LEU A 65 18.50 20.36 -27.22
C LEU A 65 19.04 19.10 -26.53
N LYS A 66 19.98 18.43 -27.19
CA LYS A 66 20.59 17.22 -26.62
C LYS A 66 21.30 17.53 -25.31
N SER A 67 22.04 18.63 -25.29
CA SER A 67 22.74 19.05 -24.09
C SER A 67 21.76 19.46 -23.00
N ALA A 68 20.70 20.16 -23.39
CA ALA A 68 19.69 20.61 -22.45
C ALA A 68 18.85 19.45 -21.93
N MET A 69 18.55 18.49 -22.81
CA MET A 69 17.79 17.30 -22.43
C MET A 69 18.58 16.49 -21.41
N GLU A 70 19.88 16.37 -21.66
CA GLU A 70 20.78 15.64 -20.77
C GLU A 70 20.82 16.29 -19.39
N ARG A 71 20.95 17.61 -19.37
CA ARG A 71 20.96 18.37 -18.11
C ARG A 71 19.62 18.24 -17.39
N TRP A 72 18.53 18.27 -18.15
CA TRP A 72 17.19 18.16 -17.59
C TRP A 72 16.98 16.84 -16.88
N ILE A 73 17.35 15.74 -17.55
CA ILE A 73 17.18 14.40 -17.00
C ILE A 73 17.97 14.23 -15.71
N ILE A 74 19.22 14.72 -15.70
CA ILE A 74 20.07 14.64 -14.52
C ILE A 74 19.48 15.44 -13.35
N ASN A 75 19.00 16.64 -13.63
CA ASN A 75 18.41 17.48 -12.59
C ASN A 75 17.17 16.86 -11.95
N VAL A 76 16.28 16.33 -12.79
CA VAL A 76 15.01 15.78 -12.32
C VAL A 76 15.19 14.47 -11.55
N LEU A 77 16.04 13.59 -12.06
CA LEU A 77 16.21 12.26 -11.46
C LEU A 77 17.14 12.28 -10.24
N SER A 78 17.99 13.29 -10.16
CA SER A 78 18.87 13.44 -9.00
C SER A 78 18.35 14.53 -8.08
N ALA A 79 17.04 14.76 -8.12
CA ALA A 79 16.41 15.82 -7.34
C ALA A 79 16.48 15.58 -5.84
N GLN A 80 16.90 16.61 -5.11
CA GLN A 80 16.83 16.60 -3.65
C GLN A 80 15.70 17.52 -3.20
N VAL A 81 15.49 17.62 -1.89
CA VAL A 81 14.45 18.47 -1.34
C VAL A 81 14.71 19.95 -1.64
N ASP A 82 15.98 20.35 -1.58
CA ASP A 82 16.37 21.72 -1.82
C ASP A 82 16.22 22.14 -3.29
N ASP A 83 16.20 21.16 -4.18
CA ASP A 83 16.17 21.42 -5.62
C ASP A 83 14.75 21.63 -6.16
N VAL A 84 13.76 21.25 -5.38
CA VAL A 84 12.36 21.27 -5.81
C VAL A 84 11.90 22.63 -6.36
N GLU A 85 12.18 23.69 -5.60
CA GLU A 85 11.78 25.02 -6.00
C GLU A 85 12.46 25.47 -7.30
N ARG A 86 13.74 25.16 -7.43
CA ARG A 86 14.48 25.49 -8.64
C ARG A 86 13.96 24.72 -9.85
N LEU A 87 13.64 23.44 -9.66
CA LEU A 87 13.14 22.60 -10.74
C LEU A 87 11.84 23.14 -11.31
N ILE A 88 10.99 23.68 -10.45
CA ILE A 88 9.72 24.27 -10.88
C ILE A 88 9.98 25.47 -11.77
N GLN A 89 10.95 26.29 -11.39
CA GLN A 89 11.34 27.45 -12.19
C GLN A 89 11.86 27.04 -13.55
N ILE A 90 12.58 25.93 -13.59
CA ILE A 90 13.12 25.39 -14.83
C ILE A 90 12.01 25.02 -15.81
N GLN A 91 11.01 24.30 -15.31
CA GLN A 91 9.89 23.87 -16.14
C GLN A 91 9.14 25.07 -16.71
N HIS A 92 9.06 26.14 -15.93
CA HIS A 92 8.45 27.38 -16.39
C HIS A 92 9.25 27.98 -17.55
N THR A 93 10.57 27.99 -17.39
CA THR A 93 11.46 28.53 -18.41
C THR A 93 11.35 27.73 -19.71
N VAL A 94 11.32 26.40 -19.58
CA VAL A 94 11.19 25.52 -20.74
C VAL A 94 9.84 25.75 -21.41
N ALA A 95 8.81 25.94 -20.60
CA ALA A 95 7.47 26.22 -21.09
C ALA A 95 7.45 27.50 -21.91
N GLU A 96 8.22 28.50 -21.45
CA GLU A 96 8.34 29.76 -22.17
C GLU A 96 9.01 29.56 -23.52
N VAL A 97 10.05 28.74 -23.54
CA VAL A 97 10.78 28.45 -24.79
C VAL A 97 9.88 27.75 -25.80
N HIS A 98 9.19 26.71 -25.35
CA HIS A 98 8.27 25.97 -26.21
C HIS A 98 7.14 26.87 -26.71
N ALA A 99 6.71 27.82 -25.87
CA ALA A 99 5.67 28.76 -26.24
C ALA A 99 6.19 29.84 -27.19
N ARG A 100 7.39 30.32 -26.92
CA ARG A 100 8.05 31.33 -27.76
C ARG A 100 8.18 30.85 -29.20
N ILE A 101 8.59 29.61 -29.37
CA ILE A 101 8.71 29.01 -30.70
C ILE A 101 7.34 28.70 -31.29
N GLY A 102 6.46 28.11 -30.48
CA GLY A 102 5.12 27.76 -30.91
C GLY A 102 4.94 26.26 -31.07
N ILE A 103 5.52 25.50 -30.15
CA ILE A 103 5.42 24.05 -30.17
C ILE A 103 4.18 23.57 -29.42
N PRO A 104 3.30 22.82 -30.11
CA PRO A 104 2.06 22.32 -29.52
C PRO A 104 2.28 21.47 -28.26
N VAL A 105 1.32 21.52 -27.35
CA VAL A 105 1.43 20.80 -26.08
C VAL A 105 1.39 19.29 -26.26
N GLU A 106 0.53 18.83 -27.17
CA GLU A 106 0.37 17.40 -27.43
C GLU A 106 1.63 16.78 -28.02
N ILE A 107 2.44 17.61 -28.67
CA ILE A 107 3.70 17.14 -29.24
C ILE A 107 4.75 16.97 -28.15
N VAL A 108 4.81 17.94 -27.24
CA VAL A 108 5.75 17.91 -26.13
C VAL A 108 5.44 16.74 -25.19
N GLU A 109 4.15 16.54 -24.90
CA GLU A 109 3.72 15.45 -24.02
C GLU A 109 4.00 14.10 -24.64
N MET A 110 4.00 14.05 -25.97
CA MET A 110 4.36 12.84 -26.70
C MET A 110 5.83 12.53 -26.43
N GLY A 111 6.62 13.59 -26.30
CA GLY A 111 8.04 13.45 -26.01
C GLY A 111 8.26 12.92 -24.60
N PHE A 112 7.43 13.37 -23.66
CA PHE A 112 7.50 12.88 -22.30
C PHE A 112 7.20 11.39 -22.25
N ARG A 113 6.23 10.97 -23.07
CA ARG A 113 5.87 9.55 -23.15
C ARG A 113 7.03 8.76 -23.74
N VAL A 114 7.66 9.33 -24.77
CA VAL A 114 8.83 8.72 -25.39
C VAL A 114 9.97 8.59 -24.38
N LEU A 115 10.19 9.65 -23.61
CA LEU A 115 11.24 9.66 -22.60
C LEU A 115 11.03 8.59 -21.54
N LYS A 116 9.79 8.47 -21.06
CA LYS A 116 9.46 7.49 -20.03
C LYS A 116 9.56 6.07 -20.55
N LYS A 117 9.34 5.90 -21.86
CA LYS A 117 9.44 4.58 -22.48
C LYS A 117 10.88 4.10 -22.59
N ILE A 118 11.77 4.96 -23.03
CA ILE A 118 13.17 4.59 -23.24
C ILE A 118 13.96 4.53 -21.93
N LEU A 119 13.40 5.08 -20.86
CA LEU A 119 14.07 5.08 -19.57
C LEU A 119 13.97 3.72 -18.88
N TYR A 120 12.85 3.04 -19.07
CA TYR A 120 12.61 1.74 -18.45
C TYR A 120 13.63 0.65 -18.82
N PRO A 121 13.97 0.50 -20.12
CA PRO A 121 14.94 -0.54 -20.47
C PRO A 121 16.30 -0.30 -19.83
N VAL A 122 16.67 0.97 -19.66
CA VAL A 122 17.93 1.34 -19.04
C VAL A 122 17.93 0.91 -17.57
N ILE A 123 16.82 1.15 -16.89
CA ILE A 123 16.67 0.76 -15.50
C ILE A 123 16.58 -0.77 -15.40
N PHE A 124 15.88 -1.38 -16.35
CA PHE A 124 15.71 -2.83 -16.37
C PHE A 124 17.04 -3.55 -16.57
N SER A 125 17.91 -2.95 -17.37
CA SER A 125 19.20 -3.56 -17.70
C SER A 125 20.28 -3.19 -16.69
N SER A 126 19.89 -2.49 -15.63
CA SER A 126 20.83 -2.08 -14.58
C SER A 126 21.28 -3.28 -13.75
N ASP A 127 22.29 -3.06 -12.91
CA ASP A 127 22.88 -4.14 -12.12
C ASP A 127 22.17 -4.32 -10.78
N TYR A 128 21.10 -3.55 -10.57
CA TYR A 128 20.39 -3.58 -9.30
C TYR A 128 19.39 -4.73 -9.20
N SER A 129 18.84 -4.94 -8.01
CA SER A 129 17.86 -5.97 -7.78
C SER A 129 16.51 -5.56 -8.37
N ALA A 130 15.61 -6.54 -8.51
CA ALA A 130 14.29 -6.28 -9.09
C ALA A 130 13.49 -5.31 -8.23
N ALA A 131 13.64 -5.40 -6.92
CA ALA A 131 12.94 -4.52 -6.00
C ALA A 131 13.43 -3.07 -6.12
N GLU A 132 14.75 -2.91 -6.23
CA GLU A 132 15.35 -1.59 -6.38
C GLU A 132 15.01 -0.97 -7.73
N LYS A 133 14.96 -1.80 -8.77
CA LYS A 133 14.58 -1.33 -10.10
C LYS A 133 13.16 -0.78 -10.09
N LEU A 134 12.29 -1.43 -9.33
CA LEU A 134 10.89 -1.02 -9.22
C LEU A 134 10.76 0.35 -8.56
N GLN A 135 11.54 0.57 -7.51
CA GLN A 135 11.47 1.82 -6.76
C GLN A 135 12.13 2.97 -7.50
N VAL A 136 13.23 2.69 -8.19
CA VAL A 136 13.90 3.70 -9.01
C VAL A 136 13.00 4.13 -10.17
N TYR A 137 12.38 3.14 -10.81
CA TYR A 137 11.47 3.41 -11.93
C TYR A 137 10.25 4.18 -11.47
N HIS A 138 9.75 3.85 -10.29
CA HIS A 138 8.60 4.54 -9.70
C HIS A 138 8.92 6.01 -9.41
N PHE A 139 10.08 6.25 -8.81
CA PHE A 139 10.52 7.60 -8.49
C PHE A 139 10.75 8.41 -9.77
N SER A 140 11.30 7.74 -10.78
CA SER A 140 11.60 8.40 -12.05
C SER A 140 10.32 8.80 -12.78
N ILE A 141 9.35 7.91 -12.81
CA ILE A 141 8.09 8.17 -13.49
C ILE A 141 7.33 9.33 -12.84
N ASN A 142 7.22 9.28 -11.51
CA ASN A 142 6.52 10.33 -10.78
C ASN A 142 7.20 11.69 -10.90
N SER A 143 8.53 11.67 -10.93
CA SER A 143 9.31 12.90 -11.06
C SER A 143 9.11 13.55 -12.43
N ILE A 144 9.11 12.73 -13.47
CA ILE A 144 8.90 13.21 -14.83
C ILE A 144 7.46 13.69 -15.02
N ASP A 145 6.53 13.00 -14.38
CA ASP A 145 5.11 13.33 -14.49
C ASP A 145 4.78 14.67 -13.84
N ILE A 146 5.30 14.90 -12.63
CA ILE A 146 5.05 16.15 -11.93
C ILE A 146 5.74 17.30 -12.66
N ALA A 147 6.89 17.02 -13.27
CA ALA A 147 7.60 18.03 -14.04
C ALA A 147 6.84 18.39 -15.30
N MET A 148 6.18 17.41 -15.90
CA MET A 148 5.38 17.63 -17.09
C MET A 148 4.15 18.46 -16.78
N GLU A 149 3.54 18.20 -15.63
CA GLU A 149 2.35 18.95 -15.21
C GLU A 149 2.68 20.42 -14.96
N VAL A 150 3.82 20.66 -14.34
CA VAL A 150 4.27 22.04 -14.07
C VAL A 150 4.54 22.77 -15.38
N MET A 151 5.19 22.09 -16.32
CA MET A 151 5.52 22.68 -17.61
C MET A 151 4.28 22.98 -18.44
N THR A 152 3.35 22.03 -18.48
CA THR A 152 2.14 22.15 -19.29
C THR A 152 1.21 23.25 -18.78
N ARG A 153 0.99 23.28 -17.48
CA ARG A 153 0.07 24.23 -16.87
C ARG A 153 0.67 25.65 -16.76
N ALA A 154 1.94 25.78 -17.13
CA ALA A 154 2.60 27.08 -17.09
C ALA A 154 2.52 27.77 -18.45
N LYS B 6 -3.81 5.88 -36.27
CA LYS B 6 -3.43 4.62 -36.89
C LYS B 6 -2.15 4.07 -36.26
N ARG B 7 -1.19 4.96 -36.04
CA ARG B 7 0.08 4.59 -35.40
C ARG B 7 -0.17 4.24 -33.93
N MET B 8 -1.19 4.87 -33.35
CA MET B 8 -1.55 4.64 -31.95
C MET B 8 -2.03 3.21 -31.76
N LYS B 9 -2.73 2.69 -32.76
CA LYS B 9 -3.22 1.32 -32.71
C LYS B 9 -2.05 0.34 -32.69
N ASP B 10 -1.07 0.56 -33.57
CA ASP B 10 0.09 -0.31 -33.68
C ASP B 10 0.92 -0.30 -32.39
N GLU B 11 1.06 0.87 -31.79
CA GLU B 11 1.86 1.01 -30.57
C GLU B 11 1.17 0.37 -29.38
N TRP B 12 -0.15 0.54 -29.30
CA TRP B 12 -0.92 -0.06 -28.21
C TRP B 12 -0.99 -1.57 -28.39
N THR B 13 -1.13 -2.01 -29.63
CA THR B 13 -1.10 -3.43 -29.96
C THR B 13 0.26 -4.03 -29.63
N GLY B 14 1.32 -3.33 -30.02
CA GLY B 14 2.67 -3.78 -29.76
C GLY B 14 2.97 -3.84 -28.27
N LEU B 15 2.38 -2.91 -27.52
CA LEU B 15 2.55 -2.86 -26.08
C LEU B 15 1.97 -4.10 -25.41
N VAL B 16 0.84 -4.58 -25.92
CA VAL B 16 0.18 -5.76 -25.39
C VAL B 16 0.94 -7.03 -25.77
N GLU B 17 1.40 -7.07 -27.02
CA GLU B 17 2.14 -8.22 -27.53
C GLU B 17 3.48 -8.41 -26.82
N GLN B 18 4.21 -7.31 -26.64
CA GLN B 18 5.53 -7.37 -26.02
C GLN B 18 5.44 -7.55 -24.51
N ALA B 19 4.23 -7.43 -23.97
CA ALA B 19 4.00 -7.68 -22.55
C ALA B 19 3.68 -9.14 -22.34
N ASP B 20 4.39 -9.76 -21.40
CA ASP B 20 4.21 -11.18 -21.10
C ASP B 20 2.78 -11.45 -20.61
N PRO B 21 2.12 -12.46 -21.20
CA PRO B 21 0.73 -12.82 -20.85
C PRO B 21 0.47 -13.04 -19.35
N PRO B 22 1.39 -13.69 -18.61
CA PRO B 22 1.11 -13.77 -17.17
C PRO B 22 1.18 -12.40 -16.49
N ILE B 23 2.03 -11.51 -17.00
CA ILE B 23 2.16 -10.17 -16.45
C ILE B 23 0.88 -9.37 -16.69
N ARG B 24 0.34 -9.44 -17.90
CA ARG B 24 -0.90 -8.76 -18.22
C ARG B 24 -2.07 -9.36 -17.45
N ALA B 25 -1.98 -10.65 -17.17
CA ALA B 25 -3.00 -11.34 -16.39
C ALA B 25 -3.00 -10.83 -14.96
N LYS B 26 -1.80 -10.67 -14.39
CA LYS B 26 -1.66 -10.16 -13.03
C LYS B 26 -2.07 -8.70 -12.96
N ALA B 27 -1.76 -7.95 -14.02
CA ALA B 27 -2.16 -6.54 -14.10
C ALA B 27 -3.67 -6.43 -14.17
N ALA B 28 -4.30 -7.34 -14.91
CA ALA B 28 -5.75 -7.38 -15.01
C ALA B 28 -6.38 -7.78 -13.68
N GLU B 29 -5.75 -8.70 -12.98
CA GLU B 29 -6.24 -9.15 -11.68
C GLU B 29 -6.14 -8.02 -10.64
N ILE B 30 -5.03 -7.28 -10.67
CA ILE B 30 -4.82 -6.12 -9.80
C ILE B 30 -5.93 -5.10 -10.02
N ALA B 31 -6.24 -4.87 -11.30
CA ALA B 31 -7.28 -3.93 -11.69
C ALA B 31 -8.62 -4.33 -11.09
N VAL B 32 -9.07 -5.53 -11.41
CA VAL B 32 -10.38 -6.03 -10.96
C VAL B 32 -10.53 -5.98 -9.44
N ALA B 33 -9.47 -6.34 -8.72
CA ALA B 33 -9.52 -6.43 -7.27
C ALA B 33 -9.50 -5.07 -6.56
N HIS B 34 -8.91 -4.07 -7.21
CA HIS B 34 -8.69 -2.79 -6.52
C HIS B 34 -9.20 -1.56 -7.28
N ALA B 35 -9.89 -1.77 -8.40
CA ALA B 35 -10.41 -0.65 -9.19
C ALA B 35 -11.40 0.18 -8.41
N HIS B 36 -12.16 -0.48 -7.54
CA HIS B 36 -13.15 0.20 -6.72
C HIS B 36 -12.47 1.19 -5.79
N TYR B 37 -11.39 0.74 -5.12
CA TYR B 37 -10.61 1.60 -4.26
C TYR B 37 -9.92 2.71 -5.05
N LEU B 38 -9.31 2.33 -6.17
CA LEU B 38 -8.58 3.27 -7.02
C LEU B 38 -9.46 4.41 -7.51
N SER B 39 -10.73 4.11 -7.79
CA SER B 39 -11.68 5.12 -8.26
C SER B 39 -11.99 6.14 -7.16
N ILE B 40 -12.25 5.64 -5.96
CA ILE B 40 -12.61 6.51 -4.84
C ILE B 40 -11.39 7.30 -4.38
N GLU B 41 -10.21 6.69 -4.46
CA GLU B 41 -8.97 7.37 -4.12
C GLU B 41 -8.66 8.44 -5.16
N PHE B 42 -8.98 8.15 -6.42
CA PHE B 42 -8.84 9.11 -7.49
C PHE B 42 -9.67 10.36 -7.21
N TYR B 43 -10.91 10.14 -6.79
CA TYR B 43 -11.86 11.23 -6.57
C TYR B 43 -11.41 12.17 -5.45
N ARG B 44 -10.95 11.60 -4.35
CA ARG B 44 -10.55 12.40 -3.19
C ARG B 44 -9.36 13.30 -3.49
N ILE B 45 -8.35 12.74 -4.14
CA ILE B 45 -7.14 13.48 -4.48
C ILE B 45 -7.41 14.55 -5.54
N VAL B 46 -8.19 14.20 -6.55
CA VAL B 46 -8.52 15.11 -7.64
C VAL B 46 -9.33 16.32 -7.17
N ARG B 47 -10.33 16.08 -6.34
CA ARG B 47 -11.23 17.15 -5.89
C ARG B 47 -10.51 18.19 -5.04
N ILE B 48 -9.32 17.86 -4.56
CA ILE B 48 -8.49 18.81 -3.82
C ILE B 48 -8.20 20.03 -4.68
N ASP B 49 -7.85 19.80 -5.93
CA ASP B 49 -7.62 20.88 -6.89
C ASP B 49 -8.92 21.63 -7.18
N PRO B 50 -8.94 22.95 -6.93
CA PRO B 50 -10.12 23.81 -7.12
C PRO B 50 -10.64 23.78 -8.55
N HIS B 51 -9.73 23.77 -9.52
CA HIS B 51 -10.11 23.80 -10.93
C HIS B 51 -10.82 22.51 -11.35
N ALA B 52 -10.55 21.43 -10.63
CA ALA B 52 -11.16 20.14 -10.92
C ALA B 52 -12.42 19.91 -10.11
N GLU B 53 -12.46 20.50 -8.90
CA GLU B 53 -13.57 20.31 -7.98
C GLU B 53 -14.86 20.91 -8.54
N GLU B 54 -14.74 21.95 -9.34
CA GLU B 54 -15.90 22.65 -9.89
C GLU B 54 -16.73 21.76 -10.81
N PHE B 55 -16.11 20.71 -11.33
CA PHE B 55 -16.81 19.75 -12.19
C PHE B 55 -17.33 18.59 -11.36
N LEU B 56 -16.75 18.40 -10.18
CA LEU B 56 -17.14 17.31 -9.30
C LEU B 56 -17.77 17.84 -8.01
N SER B 57 -18.92 18.49 -8.14
CA SER B 57 -19.57 19.13 -7.00
C SER B 57 -20.64 18.23 -6.37
N ASN B 58 -21.61 17.80 -7.17
CA ASN B 58 -22.74 17.04 -6.64
C ASN B 58 -22.41 15.56 -6.51
N GLU B 59 -23.23 14.84 -5.73
CA GLU B 59 -22.99 13.45 -5.43
C GLU B 59 -23.26 12.53 -6.64
N GLN B 60 -24.19 12.95 -7.49
CA GLN B 60 -24.57 12.14 -8.65
C GLN B 60 -23.43 12.02 -9.65
N VAL B 61 -22.79 13.13 -9.95
CA VAL B 61 -21.65 13.14 -10.87
C VAL B 61 -20.51 12.28 -10.31
N GLU B 62 -20.33 12.35 -9.00
CA GLU B 62 -19.33 11.55 -8.30
C GLU B 62 -19.48 10.06 -8.56
N ARG B 63 -20.70 9.55 -8.38
CA ARG B 63 -20.98 8.13 -8.54
C ARG B 63 -20.76 7.64 -9.96
N GLN B 64 -21.06 8.49 -10.94
CA GLN B 64 -20.89 8.14 -12.33
C GLN B 64 -19.42 8.07 -12.72
N LEU B 65 -18.65 9.07 -12.28
CA LEU B 65 -17.22 9.12 -12.59
C LEU B 65 -16.50 7.96 -11.92
N LYS B 66 -16.85 7.67 -10.68
CA LYS B 66 -16.27 6.55 -9.95
C LYS B 66 -16.58 5.25 -10.68
N SER B 67 -17.82 5.11 -11.13
CA SER B 67 -18.25 3.92 -11.85
C SER B 67 -17.53 3.81 -13.19
N ALA B 68 -17.39 4.95 -13.87
CA ALA B 68 -16.72 4.99 -15.16
C ALA B 68 -15.23 4.76 -15.02
N MET B 69 -14.65 5.29 -13.95
CA MET B 69 -13.22 5.13 -13.68
C MET B 69 -12.88 3.66 -13.45
N GLU B 70 -13.75 2.97 -12.70
CA GLU B 70 -13.56 1.56 -12.41
C GLU B 70 -13.57 0.72 -13.69
N ARG B 71 -14.55 0.97 -14.55
CA ARG B 71 -14.66 0.27 -15.82
C ARG B 71 -13.47 0.60 -16.73
N TRP B 72 -13.05 1.85 -16.73
CA TRP B 72 -11.94 2.31 -17.55
C TRP B 72 -10.64 1.60 -17.18
N ILE B 73 -10.33 1.59 -15.89
CA ILE B 73 -9.10 0.98 -15.39
C ILE B 73 -9.04 -0.51 -15.71
N ILE B 74 -10.15 -1.22 -15.49
CA ILE B 74 -10.22 -2.64 -15.76
C ILE B 74 -10.05 -2.93 -17.26
N ASN B 75 -10.72 -2.15 -18.10
CA ASN B 75 -10.65 -2.33 -19.54
C ASN B 75 -9.25 -2.10 -20.10
N VAL B 76 -8.59 -1.05 -19.64
CA VAL B 76 -7.26 -0.70 -20.14
C VAL B 76 -6.20 -1.70 -19.69
N LEU B 77 -6.26 -2.12 -18.44
CA LEU B 77 -5.24 -3.01 -17.88
C LEU B 77 -5.46 -4.47 -18.26
N SER B 78 -6.68 -4.83 -18.64
CA SER B 78 -6.97 -6.18 -19.08
C SER B 78 -7.07 -6.23 -20.60
N ALA B 79 -6.35 -5.32 -21.24
CA ALA B 79 -6.37 -5.18 -22.70
C ALA B 79 -5.78 -6.39 -23.41
N GLN B 80 -6.49 -6.89 -24.41
CA GLN B 80 -5.95 -7.91 -25.30
C GLN B 80 -5.66 -7.25 -26.65
N VAL B 81 -5.11 -8.00 -27.60
CA VAL B 81 -4.82 -7.45 -28.92
C VAL B 81 -6.10 -7.08 -29.68
N ASP B 82 -7.13 -7.91 -29.53
CA ASP B 82 -8.40 -7.67 -30.20
C ASP B 82 -9.16 -6.48 -29.60
N ASP B 83 -8.83 -6.12 -28.37
CA ASP B 83 -9.54 -5.07 -27.66
C ASP B 83 -8.99 -3.68 -27.99
N VAL B 84 -7.79 -3.65 -28.57
CA VAL B 84 -7.07 -2.41 -28.84
C VAL B 84 -7.90 -1.39 -29.64
N GLU B 85 -8.50 -1.84 -30.73
CA GLU B 85 -9.31 -0.97 -31.57
C GLU B 85 -10.51 -0.43 -30.80
N ARG B 86 -11.13 -1.29 -30.01
CA ARG B 86 -12.26 -0.91 -29.18
C ARG B 86 -11.87 0.12 -28.13
N LEU B 87 -10.69 -0.08 -27.54
CA LEU B 87 -10.18 0.82 -26.51
C LEU B 87 -9.95 2.23 -27.05
N ILE B 88 -9.46 2.33 -28.28
CA ILE B 88 -9.23 3.62 -28.91
C ILE B 88 -10.54 4.38 -29.10
N GLN B 89 -11.58 3.65 -29.51
CA GLN B 89 -12.90 4.22 -29.69
C GLN B 89 -13.45 4.77 -28.37
N ILE B 90 -13.12 4.08 -27.28
CA ILE B 90 -13.54 4.51 -25.95
C ILE B 90 -12.94 5.88 -25.60
N GLN B 91 -11.65 6.03 -25.86
CA GLN B 91 -10.94 7.27 -25.56
C GLN B 91 -11.53 8.45 -26.33
N HIS B 92 -11.98 8.20 -27.55
CA HIS B 92 -12.64 9.22 -28.35
C HIS B 92 -13.96 9.63 -27.70
N THR B 93 -14.72 8.64 -27.25
CA THR B 93 -16.01 8.89 -26.59
C THR B 93 -15.82 9.70 -25.31
N VAL B 94 -14.82 9.33 -24.51
CA VAL B 94 -14.52 10.03 -23.27
C VAL B 94 -14.06 11.46 -23.54
N ALA B 95 -13.25 11.63 -24.59
CA ALA B 95 -12.75 12.94 -24.98
C ALA B 95 -13.90 13.87 -25.38
N GLU B 96 -14.89 13.30 -26.06
CA GLU B 96 -16.08 14.06 -26.47
C GLU B 96 -16.87 14.50 -25.23
N VAL B 97 -16.99 13.60 -24.26
CA VAL B 97 -17.71 13.89 -23.03
C VAL B 97 -17.01 15.01 -22.25
N HIS B 98 -15.69 14.89 -22.09
CA HIS B 98 -14.91 15.91 -21.41
C HIS B 98 -15.00 17.25 -22.13
N ALA B 99 -15.12 17.21 -23.46
CA ALA B 99 -15.26 18.42 -24.26
C ALA B 99 -16.67 18.99 -24.13
N ARG B 100 -17.66 18.10 -24.15
CA ARG B 100 -19.06 18.49 -23.98
C ARG B 100 -19.28 19.26 -22.68
N ILE B 101 -18.67 18.76 -21.61
CA ILE B 101 -18.76 19.42 -20.31
C ILE B 101 -17.94 20.70 -20.30
N GLY B 102 -16.74 20.63 -20.86
CA GLY B 102 -15.85 21.78 -20.92
C GLY B 102 -14.68 21.64 -19.97
N ILE B 103 -14.17 20.42 -19.87
CA ILE B 103 -13.05 20.14 -18.98
C ILE B 103 -11.71 20.35 -19.69
N PRO B 104 -10.88 21.26 -19.14
CA PRO B 104 -9.57 21.59 -19.69
C PRO B 104 -8.66 20.38 -19.84
N VAL B 105 -7.77 20.43 -20.83
CA VAL B 105 -6.88 19.31 -21.13
C VAL B 105 -5.88 19.09 -20.00
N GLU B 106 -5.37 20.18 -19.43
CA GLU B 106 -4.38 20.09 -18.36
C GLU B 106 -4.97 19.49 -17.09
N ILE B 107 -6.29 19.60 -16.95
CA ILE B 107 -6.98 19.04 -15.80
C ILE B 107 -7.14 17.53 -15.93
N VAL B 108 -7.49 17.09 -17.13
CA VAL B 108 -7.64 15.66 -17.41
C VAL B 108 -6.32 14.92 -17.25
N GLU B 109 -5.25 15.52 -17.76
CA GLU B 109 -3.91 14.93 -17.66
C GLU B 109 -3.44 14.88 -16.22
N MET B 110 -3.92 15.82 -15.40
CA MET B 110 -3.63 15.83 -13.98
C MET B 110 -4.25 14.61 -13.32
N GLY B 111 -5.40 14.20 -13.82
CA GLY B 111 -6.08 13.02 -13.33
C GLY B 111 -5.31 11.75 -13.68
N PHE B 112 -4.72 11.73 -14.87
CA PHE B 112 -3.91 10.61 -15.31
C PHE B 112 -2.68 10.42 -14.42
N ARG B 113 -2.08 11.54 -14.01
CA ARG B 113 -0.91 11.49 -13.13
C ARG B 113 -1.28 10.93 -11.76
N VAL B 114 -2.44 11.38 -11.26
CA VAL B 114 -2.95 10.89 -10.00
C VAL B 114 -3.24 9.40 -10.07
N LEU B 115 -3.83 8.97 -11.17
CA LEU B 115 -4.16 7.57 -11.39
C LEU B 115 -2.91 6.70 -11.41
N LYS B 116 -1.89 7.15 -12.12
CA LYS B 116 -0.63 6.42 -12.22
C LYS B 116 0.09 6.41 -10.87
N LYS B 117 -0.13 7.46 -10.09
CA LYS B 117 0.50 7.60 -8.78
C LYS B 117 -0.09 6.65 -7.75
N ILE B 118 -1.42 6.58 -7.71
CA ILE B 118 -2.12 5.76 -6.72
C ILE B 118 -2.15 4.29 -7.10
N LEU B 119 -1.78 3.98 -8.33
CA LEU B 119 -1.77 2.61 -8.82
C LEU B 119 -0.56 1.84 -8.27
N TYR B 120 0.54 2.55 -8.08
CA TYR B 120 1.78 1.94 -7.61
C TYR B 120 1.69 1.26 -6.24
N PRO B 121 1.07 1.91 -5.23
CA PRO B 121 1.01 1.21 -3.93
C PRO B 121 0.19 -0.06 -4.00
N VAL B 122 -0.83 -0.08 -4.85
CA VAL B 122 -1.66 -1.26 -5.04
C VAL B 122 -0.88 -2.43 -5.62
N ILE B 123 -0.05 -2.14 -6.62
CA ILE B 123 0.79 -3.15 -7.25
C ILE B 123 1.91 -3.57 -6.29
N PHE B 124 2.44 -2.60 -5.56
CA PHE B 124 3.54 -2.85 -4.62
C PHE B 124 3.13 -3.77 -3.48
N SER B 125 1.88 -3.65 -3.03
CA SER B 125 1.39 -4.43 -1.91
C SER B 125 0.80 -5.77 -2.33
N SER B 126 0.90 -6.09 -3.62
CA SER B 126 0.37 -7.36 -4.13
C SER B 126 1.22 -8.54 -3.66
N ASP B 127 0.73 -9.74 -3.88
CA ASP B 127 1.41 -10.95 -3.41
C ASP B 127 2.45 -11.47 -4.39
N TYR B 128 2.67 -10.73 -5.47
CA TYR B 128 3.59 -11.17 -6.51
C TYR B 128 5.04 -10.82 -6.18
N SER B 129 5.97 -11.35 -6.97
CA SER B 129 7.38 -11.10 -6.78
C SER B 129 7.77 -9.70 -7.24
N ALA B 130 8.95 -9.25 -6.83
CA ALA B 130 9.43 -7.92 -7.18
C ALA B 130 9.62 -7.77 -8.69
N ALA B 131 10.05 -8.85 -9.34
CA ALA B 131 10.27 -8.84 -10.78
C ALA B 131 8.94 -8.71 -11.53
N GLU B 132 7.93 -9.43 -11.06
CA GLU B 132 6.61 -9.38 -11.69
C GLU B 132 5.95 -8.03 -11.46
N LYS B 133 6.15 -7.47 -10.27
CA LYS B 133 5.62 -6.15 -9.94
C LYS B 133 6.20 -5.07 -10.86
N LEU B 134 7.48 -5.22 -11.20
CA LEU B 134 8.14 -4.26 -12.08
C LEU B 134 7.53 -4.25 -13.47
N GLN B 135 7.26 -5.44 -13.99
CA GLN B 135 6.70 -5.57 -15.34
C GLN B 135 5.23 -5.21 -15.38
N VAL B 136 4.50 -5.54 -14.32
CA VAL B 136 3.09 -5.17 -14.21
C VAL B 136 2.95 -3.65 -14.15
N TYR B 137 3.80 -3.02 -13.35
CA TYR B 137 3.80 -1.57 -13.21
C TYR B 137 4.20 -0.91 -14.53
N HIS B 138 5.17 -1.51 -15.22
CA HIS B 138 5.61 -1.00 -16.51
C HIS B 138 4.51 -1.06 -17.56
N PHE B 139 3.82 -2.19 -17.63
CA PHE B 139 2.72 -2.36 -18.57
C PHE B 139 1.56 -1.43 -18.24
N SER B 140 1.30 -1.24 -16.94
CA SER B 140 0.21 -0.39 -16.49
C SER B 140 0.47 1.07 -16.84
N ILE B 141 1.69 1.54 -16.59
CA ILE B 141 2.07 2.92 -16.87
C ILE B 141 1.97 3.23 -18.37
N ASN B 142 2.55 2.36 -19.18
CA ASN B 142 2.55 2.53 -20.63
C ASN B 142 1.14 2.49 -21.22
N SER B 143 0.29 1.63 -20.66
CA SER B 143 -1.08 1.52 -21.13
C SER B 143 -1.86 2.80 -20.85
N ILE B 144 -1.66 3.36 -19.66
CA ILE B 144 -2.33 4.60 -19.28
C ILE B 144 -1.78 5.78 -20.07
N ASP B 145 -0.48 5.75 -20.36
CA ASP B 145 0.16 6.83 -21.11
C ASP B 145 -0.33 6.90 -22.56
N ILE B 146 -0.41 5.74 -23.20
CA ILE B 146 -0.87 5.68 -24.58
C ILE B 146 -2.35 6.02 -24.66
N ALA B 147 -3.10 5.63 -23.63
CA ALA B 147 -4.53 5.93 -23.57
C ALA B 147 -4.76 7.43 -23.40
N MET B 148 -3.87 8.07 -22.64
CA MET B 148 -3.97 9.51 -22.42
C MET B 148 -3.68 10.29 -23.69
N GLU B 149 -2.67 9.86 -24.44
CA GLU B 149 -2.30 10.52 -25.69
C GLU B 149 -3.41 10.39 -26.72
N VAL B 150 -4.03 9.22 -26.79
CA VAL B 150 -5.16 9.00 -27.71
C VAL B 150 -6.35 9.86 -27.32
N MET B 151 -6.63 9.94 -26.01
CA MET B 151 -7.73 10.74 -25.51
C MET B 151 -7.51 12.23 -25.75
N THR B 152 -6.28 12.68 -25.50
CA THR B 152 -5.95 14.10 -25.63
C THR B 152 -6.06 14.58 -27.07
N ARG B 153 -5.53 13.80 -28.00
CA ARG B 153 -5.53 14.20 -29.42
C ARG B 153 -6.90 13.99 -30.06
N ALA B 154 -7.83 13.40 -29.33
CA ALA B 154 -9.18 13.16 -29.84
C ALA B 154 -10.11 14.29 -29.42
N PHE C 5 6.61 -24.58 7.08
CA PHE C 5 7.61 -23.53 7.19
C PHE C 5 7.62 -22.65 5.93
N LYS C 6 7.49 -23.27 4.78
CA LYS C 6 7.51 -22.56 3.50
C LYS C 6 6.40 -21.52 3.40
N ARG C 7 5.22 -21.90 3.86
CA ARG C 7 4.08 -20.98 3.84
C ARG C 7 4.26 -19.83 4.83
N MET C 8 4.89 -20.11 5.97
CA MET C 8 5.16 -19.08 6.97
C MET C 8 6.24 -18.12 6.48
N LYS C 9 7.24 -18.66 5.82
CA LYS C 9 8.33 -17.86 5.28
C LYS C 9 7.85 -16.92 4.18
N ASP C 10 7.04 -17.45 3.26
CA ASP C 10 6.52 -16.67 2.15
C ASP C 10 5.63 -15.52 2.62
N GLU C 11 4.84 -15.78 3.65
CA GLU C 11 3.91 -14.76 4.16
C GLU C 11 4.66 -13.65 4.90
N TRP C 12 5.66 -14.03 5.68
CA TRP C 12 6.45 -13.05 6.43
C TRP C 12 7.33 -12.25 5.48
N THR C 13 7.92 -12.91 4.48
CA THR C 13 8.70 -12.21 3.47
C THR C 13 7.79 -11.27 2.69
N GLY C 14 6.61 -11.76 2.32
CA GLY C 14 5.64 -10.96 1.61
C GLY C 14 5.18 -9.79 2.46
N LEU C 15 5.08 -10.01 3.76
CA LEU C 15 4.68 -8.96 4.70
C LEU C 15 5.70 -7.83 4.68
N VAL C 16 6.98 -8.19 4.59
CA VAL C 16 8.05 -7.20 4.53
C VAL C 16 8.11 -6.54 3.16
N GLU C 17 7.96 -7.35 2.11
CA GLU C 17 8.01 -6.86 0.73
C GLU C 17 6.86 -5.92 0.40
N GLN C 18 5.65 -6.27 0.83
CA GLN C 18 4.47 -5.48 0.50
C GLN C 18 4.40 -4.19 1.32
N ALA C 19 5.29 -4.07 2.31
CA ALA C 19 5.39 -2.86 3.09
C ALA C 19 6.37 -1.89 2.45
N ASP C 20 5.94 -0.65 2.26
CA ASP C 20 6.77 0.38 1.65
C ASP C 20 8.02 0.62 2.48
N PRO C 21 9.20 0.62 1.83
CA PRO C 21 10.48 0.83 2.52
C PRO C 21 10.55 2.06 3.43
N PRO C 22 9.98 3.21 3.02
CA PRO C 22 10.00 4.33 3.99
C PRO C 22 9.13 4.04 5.20
N ILE C 23 8.05 3.29 5.00
CA ILE C 23 7.17 2.93 6.11
C ILE C 23 7.91 2.01 7.08
N ARG C 24 8.62 1.04 6.52
CA ARG C 24 9.42 0.12 7.34
C ARG C 24 10.58 0.86 7.99
N ALA C 25 11.08 1.90 7.32
CA ALA C 25 12.16 2.71 7.86
C ALA C 25 11.69 3.49 9.08
N LYS C 26 10.48 4.06 8.98
CA LYS C 26 9.90 4.82 10.07
C LYS C 26 9.55 3.88 11.23
N ALA C 27 9.09 2.68 10.89
CA ALA C 27 8.81 1.66 11.89
C ALA C 27 10.08 1.25 12.62
N ALA C 28 11.17 1.17 11.87
CA ALA C 28 12.47 0.84 12.45
C ALA C 28 12.94 1.97 13.36
N GLU C 29 12.67 3.20 12.96
CA GLU C 29 13.02 4.37 13.77
C GLU C 29 12.24 4.38 15.08
N ILE C 30 10.94 4.10 14.99
CA ILE C 30 10.09 4.03 16.18
C ILE C 30 10.60 2.94 17.12
N ALA C 31 10.95 1.79 16.55
CA ALA C 31 11.44 0.66 17.32
C ALA C 31 12.70 1.02 18.10
N VAL C 32 13.75 1.41 17.37
CA VAL C 32 15.04 1.73 17.97
C VAL C 32 14.93 2.82 19.05
N ALA C 33 14.11 3.83 18.78
CA ALA C 33 14.00 4.98 19.67
C ALA C 33 13.18 4.70 20.92
N HIS C 34 12.29 3.72 20.85
CA HIS C 34 11.34 3.50 21.94
C HIS C 34 11.30 2.06 22.46
N ALA C 35 12.19 1.21 21.98
CA ALA C 35 12.23 -0.19 22.41
C ALA C 35 12.52 -0.32 23.90
N HIS C 36 13.35 0.58 24.43
CA HIS C 36 13.68 0.56 25.85
C HIS C 36 12.45 0.81 26.70
N TYR C 37 11.67 1.83 26.32
CA TYR C 37 10.43 2.12 27.03
C TYR C 37 9.42 1.00 26.85
N LEU C 38 9.26 0.53 25.62
CA LEU C 38 8.31 -0.53 25.31
C LEU C 38 8.61 -1.79 26.12
N SER C 39 9.89 -2.07 26.30
CA SER C 39 10.32 -3.25 27.05
C SER C 39 10.01 -3.13 28.54
N ILE C 40 10.37 -2.00 29.14
CA ILE C 40 10.17 -1.80 30.58
C ILE C 40 8.69 -1.58 30.91
N GLU C 41 7.95 -0.95 30.00
CA GLU C 41 6.51 -0.78 30.18
C GLU C 41 5.81 -2.13 30.07
N PHE C 42 6.32 -2.96 29.16
CA PHE C 42 5.83 -4.33 29.01
C PHE C 42 6.00 -5.12 30.31
N TYR C 43 7.18 -5.00 30.91
CA TYR C 43 7.54 -5.77 32.08
C TYR C 43 6.59 -5.45 33.25
N ARG C 44 6.34 -4.16 33.45
CA ARG C 44 5.46 -3.72 34.54
C ARG C 44 4.02 -4.20 34.40
N ILE C 45 3.48 -4.10 33.19
CA ILE C 45 2.11 -4.48 32.96
C ILE C 45 1.93 -5.98 33.14
N VAL C 46 2.92 -6.74 32.67
CA VAL C 46 2.89 -8.19 32.75
C VAL C 46 2.89 -8.68 34.21
N ARG C 47 3.78 -8.11 35.02
CA ARG C 47 3.92 -8.55 36.41
C ARG C 47 2.69 -8.21 37.26
N ILE C 48 1.85 -7.31 36.77
CA ILE C 48 0.61 -6.96 37.45
C ILE C 48 -0.29 -8.20 37.57
N ASP C 49 -0.37 -8.97 36.48
CA ASP C 49 -1.11 -10.22 36.48
C ASP C 49 -0.44 -11.24 37.41
N PRO C 50 -1.19 -11.75 38.40
CA PRO C 50 -0.70 -12.70 39.39
C PRO C 50 -0.08 -13.96 38.77
N HIS C 51 -0.70 -14.45 37.71
CA HIS C 51 -0.26 -15.68 37.05
C HIS C 51 1.09 -15.49 36.35
N ALA C 52 1.41 -14.25 35.99
CA ALA C 52 2.65 -13.95 35.28
C ALA C 52 3.80 -13.58 36.20
N GLU C 53 3.49 -12.97 37.34
CA GLU C 53 4.49 -12.48 38.27
C GLU C 53 5.34 -13.61 38.85
N GLU C 54 4.74 -14.80 38.95
CA GLU C 54 5.41 -15.96 39.54
C GLU C 54 6.63 -16.41 38.73
N PHE C 55 6.68 -16.00 37.45
CA PHE C 55 7.80 -16.32 36.58
C PHE C 55 8.85 -15.22 36.63
N LEU C 56 8.44 -14.05 37.12
CA LEU C 56 9.31 -12.89 37.21
C LEU C 56 9.60 -12.54 38.66
N SER C 57 10.32 -13.44 39.35
CA SER C 57 10.56 -13.27 40.78
C SER C 57 11.88 -12.57 41.09
N ASN C 58 12.98 -13.11 40.59
CA ASN C 58 14.30 -12.57 40.93
C ASN C 58 14.68 -11.38 40.05
N GLU C 59 15.67 -10.61 40.51
CA GLU C 59 16.10 -9.40 39.83
C GLU C 59 16.86 -9.71 38.55
N GLN C 60 17.55 -10.85 38.54
CA GLN C 60 18.37 -11.24 37.40
C GLN C 60 17.53 -11.48 36.15
N VAL C 61 16.43 -12.20 36.30
CA VAL C 61 15.52 -12.49 35.20
C VAL C 61 14.96 -11.19 34.62
N GLU C 62 14.67 -10.24 35.50
CA GLU C 62 14.16 -8.93 35.09
C GLU C 62 15.09 -8.26 34.08
N ARG C 63 16.37 -8.17 34.43
CA ARG C 63 17.35 -7.55 33.55
C ARG C 63 17.52 -8.35 32.25
N GLN C 64 17.41 -9.66 32.35
CA GLN C 64 17.58 -10.53 31.18
C GLN C 64 16.41 -10.39 30.22
N LEU C 65 15.20 -10.42 30.76
CA LEU C 65 14.00 -10.33 29.93
C LEU C 65 13.85 -8.96 29.28
N LYS C 66 14.13 -7.89 30.02
CA LYS C 66 14.02 -6.53 29.50
C LYS C 66 14.96 -6.27 28.33
N SER C 67 16.20 -6.73 28.45
CA SER C 67 17.19 -6.58 27.39
C SER C 67 16.81 -7.39 26.16
N ALA C 68 16.31 -8.60 26.39
CA ALA C 68 15.91 -9.49 25.30
C ALA C 68 14.66 -8.97 24.60
N MET C 69 13.75 -8.40 25.37
CA MET C 69 12.52 -7.84 24.83
C MET C 69 12.85 -6.67 23.91
N GLU C 70 13.79 -5.84 24.34
CA GLU C 70 14.23 -4.68 23.58
C GLU C 70 14.82 -5.12 22.25
N ARG C 71 15.69 -6.13 22.28
CA ARG C 71 16.30 -6.68 21.08
C ARG C 71 15.25 -7.30 20.16
N TRP C 72 14.27 -7.97 20.77
CA TRP C 72 13.21 -8.63 20.01
C TRP C 72 12.39 -7.63 19.20
N ILE C 73 11.97 -6.55 19.86
CA ILE C 73 11.16 -5.52 19.22
C ILE C 73 11.91 -4.87 18.06
N ILE C 74 13.18 -4.60 18.26
CA ILE C 74 14.02 -3.99 17.23
C ILE C 74 14.15 -4.92 16.01
N ASN C 75 14.37 -6.20 16.27
CA ASN C 75 14.50 -7.17 15.18
C ASN C 75 13.24 -7.31 14.34
N VAL C 76 12.10 -7.40 15.01
CA VAL C 76 10.82 -7.62 14.33
C VAL C 76 10.35 -6.41 13.53
N LEU C 77 10.48 -5.22 14.11
CA LEU C 77 9.96 -4.01 13.47
C LEU C 77 10.92 -3.46 12.41
N SER C 78 12.20 -3.80 12.52
CA SER C 78 13.18 -3.39 11.52
C SER C 78 13.52 -4.56 10.60
N ALA C 79 12.57 -5.47 10.45
CA ALA C 79 12.76 -6.68 9.65
C ALA C 79 12.93 -6.40 8.17
N GLN C 80 13.93 -7.05 7.57
CA GLN C 80 14.10 -7.06 6.11
C GLN C 80 13.71 -8.42 5.57
N VAL C 81 13.78 -8.55 4.25
CA VAL C 81 13.44 -9.80 3.58
C VAL C 81 14.43 -10.90 3.95
N ASP C 82 15.70 -10.52 4.07
CA ASP C 82 16.75 -11.48 4.41
C ASP C 82 16.66 -11.94 5.87
N ASP C 83 16.00 -11.15 6.70
CA ASP C 83 15.94 -11.43 8.13
C ASP C 83 14.82 -12.40 8.50
N VAL C 84 13.89 -12.60 7.57
CA VAL C 84 12.69 -13.39 7.82
C VAL C 84 12.99 -14.80 8.33
N GLU C 85 13.89 -15.51 7.64
CA GLU C 85 14.23 -16.87 8.02
C GLU C 85 14.89 -16.90 9.40
N ARG C 86 15.75 -15.93 9.66
CA ARG C 86 16.41 -15.81 10.96
C ARG C 86 15.39 -15.52 12.06
N LEU C 87 14.43 -14.65 11.75
CA LEU C 87 13.39 -14.28 12.70
C LEU C 87 12.56 -15.49 13.10
N ILE C 88 12.30 -16.37 12.15
CA ILE C 88 11.54 -17.59 12.42
C ILE C 88 12.31 -18.48 13.40
N GLN C 89 13.62 -18.57 13.20
CA GLN C 89 14.48 -19.34 14.10
C GLN C 89 14.46 -18.74 15.51
N ILE C 90 14.41 -17.41 15.58
CA ILE C 90 14.35 -16.71 16.86
C ILE C 90 13.09 -17.07 17.63
N GLN C 91 11.95 -17.02 16.95
CA GLN C 91 10.66 -17.33 17.59
C GLN C 91 10.65 -18.77 18.09
N HIS C 92 11.29 -19.66 17.35
CA HIS C 92 11.43 -21.05 17.77
C HIS C 92 12.27 -21.14 19.04
N THR C 93 13.38 -20.40 19.05
CA THR C 93 14.28 -20.38 20.20
C THR C 93 13.57 -19.84 21.43
N VAL C 94 12.82 -18.76 21.25
CA VAL C 94 12.05 -18.17 22.34
C VAL C 94 10.99 -19.15 22.82
N ALA C 95 10.35 -19.83 21.87
CA ALA C 95 9.35 -20.84 22.19
C ALA C 95 9.96 -21.98 23.00
N GLU C 96 11.19 -22.35 22.63
CA GLU C 96 11.92 -23.39 23.35
C GLU C 96 12.24 -22.94 24.78
N VAL C 97 12.67 -21.69 24.92
CA VAL C 97 12.99 -21.14 26.23
C VAL C 97 11.75 -21.08 27.11
N HIS C 98 10.65 -20.58 26.56
CA HIS C 98 9.39 -20.53 27.28
C HIS C 98 8.91 -21.94 27.63
N ALA C 99 9.19 -22.89 26.75
CA ALA C 99 8.83 -24.29 27.00
C ALA C 99 9.79 -24.94 27.99
N ARG C 100 11.08 -24.66 27.84
CA ARG C 100 12.09 -25.17 28.76
C ARG C 100 11.78 -24.72 30.18
N ILE C 101 11.43 -23.45 30.32
CA ILE C 101 11.05 -22.92 31.62
C ILE C 101 9.68 -23.45 32.00
N GLY C 102 8.73 -23.39 31.06
CA GLY C 102 7.38 -23.89 31.32
C GLY C 102 6.35 -22.79 31.46
N ILE C 103 6.45 -21.77 30.61
CA ILE C 103 5.51 -20.65 30.65
C ILE C 103 4.30 -20.94 29.76
N PRO C 104 3.10 -20.92 30.35
CA PRO C 104 1.84 -21.20 29.65
C PRO C 104 1.62 -20.29 28.43
N VAL C 105 0.93 -20.83 27.43
CA VAL C 105 0.69 -20.12 26.18
C VAL C 105 -0.22 -18.91 26.38
N GLU C 106 -1.25 -19.07 27.21
CA GLU C 106 -2.21 -18.00 27.46
C GLU C 106 -1.57 -16.82 28.18
N ILE C 107 -0.48 -17.07 28.89
CA ILE C 107 0.24 -16.02 29.59
C ILE C 107 1.10 -15.23 28.61
N VAL C 108 1.78 -15.94 27.72
CA VAL C 108 2.63 -15.32 26.70
C VAL C 108 1.82 -14.49 25.71
N GLU C 109 0.68 -15.03 25.27
CA GLU C 109 -0.19 -14.33 24.33
C GLU C 109 -0.79 -13.07 24.96
N MET C 110 -0.95 -13.10 26.28
CA MET C 110 -1.40 -11.92 27.01
C MET C 110 -0.33 -10.84 26.90
N GLY C 111 0.93 -11.27 26.89
CA GLY C 111 2.05 -10.35 26.74
C GLY C 111 2.10 -9.73 25.35
N PHE C 112 1.80 -10.53 24.33
CA PHE C 112 1.75 -10.02 22.96
C PHE C 112 0.68 -8.95 22.83
N ARG C 113 -0.46 -9.18 23.50
CA ARG C 113 -1.55 -8.22 23.48
C ARG C 113 -1.14 -6.93 24.18
N VAL C 114 -0.44 -7.07 25.29
CA VAL C 114 0.08 -5.92 26.03
C VAL C 114 1.05 -5.13 25.16
N LEU C 115 1.93 -5.84 24.46
CA LEU C 115 2.91 -5.20 23.58
C LEU C 115 2.25 -4.40 22.47
N LYS C 116 1.24 -5.00 21.84
CA LYS C 116 0.53 -4.35 20.74
C LYS C 116 -0.28 -3.14 21.23
N LYS C 117 -0.72 -3.18 22.49
CA LYS C 117 -1.48 -2.09 23.06
C LYS C 117 -0.61 -0.87 23.34
N ILE C 118 0.56 -1.10 23.94
CA ILE C 118 1.44 0.00 24.33
C ILE C 118 2.23 0.56 23.15
N LEU C 119 2.20 -0.15 22.03
CA LEU C 119 2.93 0.30 20.84
C LEU C 119 2.16 1.40 20.11
N TYR C 120 0.84 1.32 20.14
CA TYR C 120 -0.01 2.29 19.43
C TYR C 120 0.15 3.74 19.90
N PRO C 121 0.15 4.02 21.22
CA PRO C 121 0.31 5.41 21.61
C PRO C 121 1.67 5.99 21.21
N VAL C 122 2.68 5.12 21.18
CA VAL C 122 4.02 5.53 20.77
C VAL C 122 4.02 5.93 19.30
N ILE C 123 3.34 5.14 18.47
CA ILE C 123 3.22 5.46 17.05
C ILE C 123 2.32 6.67 16.84
N PHE C 124 1.26 6.75 17.64
CA PHE C 124 0.30 7.84 17.53
C PHE C 124 0.92 9.19 17.88
N SER C 125 1.85 9.18 18.84
CA SER C 125 2.46 10.42 19.31
C SER C 125 3.67 10.84 18.48
N SER C 126 3.93 10.09 17.40
CA SER C 126 5.05 10.40 16.52
C SER C 126 4.78 11.66 15.70
N ASP C 127 5.82 12.16 15.04
CA ASP C 127 5.71 13.40 14.27
C ASP C 127 5.29 13.14 12.82
N TYR C 128 4.97 11.89 12.51
CA TYR C 128 4.62 11.52 11.14
C TYR C 128 3.16 11.85 10.84
N SER C 129 2.78 11.75 9.57
CA SER C 129 1.41 12.02 9.15
C SER C 129 0.49 10.87 9.57
N ALA C 130 -0.81 11.15 9.54
CA ALA C 130 -1.81 10.15 9.93
C ALA C 130 -1.78 8.93 9.01
N ALA C 131 -1.53 9.17 7.73
CA ALA C 131 -1.46 8.09 6.75
C ALA C 131 -0.24 7.20 7.01
N GLU C 132 0.89 7.83 7.31
CA GLU C 132 2.12 7.10 7.61
C GLU C 132 2.01 6.35 8.93
N LYS C 133 1.35 6.94 9.91
CA LYS C 133 1.12 6.28 11.18
C LYS C 133 0.31 5.00 11.02
N LEU C 134 -0.66 5.05 10.11
CA LEU C 134 -1.52 3.91 9.84
C LEU C 134 -0.75 2.74 9.22
N GLN C 135 0.14 3.04 8.30
CA GLN C 135 0.89 2.02 7.59
C GLN C 135 1.98 1.40 8.46
N VAL C 136 2.62 2.22 9.29
CA VAL C 136 3.61 1.73 10.24
C VAL C 136 2.95 0.82 11.27
N TYR C 137 1.80 1.26 11.77
CA TYR C 137 1.03 0.51 12.75
C TYR C 137 0.52 -0.79 12.15
N HIS C 138 0.10 -0.74 10.89
CA HIS C 138 -0.37 -1.93 10.18
C HIS C 138 0.75 -2.95 10.03
N PHE C 139 1.93 -2.48 9.62
CA PHE C 139 3.09 -3.34 9.47
C PHE C 139 3.53 -3.91 10.81
N SER C 140 3.44 -3.09 11.85
CA SER C 140 3.86 -3.49 13.19
C SER C 140 2.94 -4.57 13.78
N ILE C 141 1.64 -4.39 13.63
CA ILE C 141 0.67 -5.35 14.17
C ILE C 141 0.79 -6.71 13.51
N ASN C 142 0.84 -6.73 12.18
CA ASN C 142 0.94 -7.98 11.43
C ASN C 142 2.26 -8.70 11.70
N SER C 143 3.33 -7.94 11.88
CA SER C 143 4.64 -8.51 12.18
C SER C 143 4.65 -9.19 13.54
N ILE C 144 4.03 -8.56 14.53
CA ILE C 144 3.95 -9.12 15.87
C ILE C 144 3.03 -10.35 15.86
N ASP C 145 1.97 -10.29 15.06
CA ASP C 145 1.01 -11.38 14.97
C ASP C 145 1.60 -12.63 14.33
N ILE C 146 2.32 -12.46 13.22
CA ILE C 146 2.93 -13.60 12.55
C ILE C 146 4.02 -14.21 13.41
N ALA C 147 4.72 -13.38 14.17
CA ALA C 147 5.77 -13.84 15.07
C ALA C 147 5.16 -14.65 16.22
N MET C 148 4.00 -14.23 16.69
CA MET C 148 3.31 -14.93 17.77
C MET C 148 2.82 -16.30 17.30
N GLU C 149 2.30 -16.36 16.08
CA GLU C 149 1.82 -17.61 15.53
C GLU C 149 2.95 -18.61 15.34
N VAL C 150 4.09 -18.12 14.87
CA VAL C 150 5.27 -18.97 14.70
C VAL C 150 5.77 -19.48 16.05
N MET C 151 5.77 -18.59 17.04
CA MET C 151 6.23 -18.94 18.39
C MET C 151 5.29 -19.93 19.06
N THR C 152 3.99 -19.68 18.97
CA THR C 152 2.99 -20.52 19.62
C THR C 152 2.95 -21.93 19.05
N ARG C 153 2.96 -22.03 17.72
CA ARG C 153 2.86 -23.32 17.05
C ARG C 153 4.17 -24.10 17.08
N ALA C 154 5.22 -23.49 17.61
CA ALA C 154 6.51 -24.15 17.72
C ALA C 154 6.68 -24.81 19.08
N LYS D 6 -13.29 -10.77 35.41
CA LYS D 6 -13.46 -9.41 35.91
C LYS D 6 -12.50 -8.42 35.25
N ARG D 7 -11.24 -8.81 35.10
CA ARG D 7 -10.26 -7.95 34.47
C ARG D 7 -10.54 -7.81 32.98
N MET D 8 -11.08 -8.86 32.39
CA MET D 8 -11.43 -8.84 30.97
C MET D 8 -12.62 -7.91 30.73
N LYS D 9 -13.57 -7.91 31.66
CA LYS D 9 -14.74 -7.04 31.57
C LYS D 9 -14.36 -5.56 31.63
N ASP D 10 -13.52 -5.21 32.60
CA ASP D 10 -13.09 -3.83 32.79
C ASP D 10 -12.28 -3.30 31.60
N GLU D 11 -11.42 -4.15 31.06
CA GLU D 11 -10.54 -3.75 29.97
C GLU D 11 -11.33 -3.56 28.67
N TRP D 12 -12.29 -4.44 28.43
CA TRP D 12 -13.12 -4.35 27.23
C TRP D 12 -14.05 -3.14 27.33
N THR D 13 -14.58 -2.91 28.54
CA THR D 13 -15.40 -1.73 28.79
C THR D 13 -14.60 -0.44 28.60
N GLY D 14 -13.39 -0.43 29.15
CA GLY D 14 -12.51 0.71 29.03
C GLY D 14 -12.11 1.00 27.59
N LEU D 15 -11.96 -0.07 26.81
CA LEU D 15 -11.61 0.06 25.39
C LEU D 15 -12.70 0.79 24.62
N VAL D 16 -13.96 0.49 24.96
CA VAL D 16 -15.10 1.13 24.30
C VAL D 16 -15.25 2.58 24.76
N GLU D 17 -15.08 2.80 26.05
CA GLU D 17 -15.23 4.13 26.65
C GLU D 17 -14.15 5.10 26.16
N GLN D 18 -12.90 4.64 26.14
CA GLN D 18 -11.78 5.50 25.75
C GLN D 18 -11.72 5.70 24.23
N ALA D 19 -12.53 4.95 23.50
CA ALA D 19 -12.64 5.12 22.06
C ALA D 19 -13.71 6.15 21.73
N ASP D 20 -13.36 7.13 20.90
CA ASP D 20 -14.30 8.18 20.52
C ASP D 20 -15.51 7.60 19.82
N PRO D 21 -16.72 7.99 20.25
CA PRO D 21 -17.99 7.50 19.70
C PRO D 21 -18.14 7.61 18.18
N PRO D 22 -17.68 8.71 17.54
CA PRO D 22 -17.78 8.69 16.08
C PRO D 22 -16.88 7.64 15.44
N ILE D 23 -15.74 7.36 16.08
CA ILE D 23 -14.81 6.36 15.58
C ILE D 23 -15.42 4.96 15.66
N ARG D 24 -16.06 4.65 16.80
CA ARG D 24 -16.71 3.36 16.97
C ARG D 24 -17.92 3.22 16.02
N ALA D 25 -18.55 4.35 15.71
CA ALA D 25 -19.67 4.35 14.78
C ALA D 25 -19.22 3.99 13.37
N LYS D 26 -18.08 4.55 12.96
CA LYS D 26 -17.52 4.27 11.64
C LYS D 26 -17.04 2.83 11.54
N ALA D 27 -16.50 2.30 12.64
CA ALA D 27 -16.08 0.91 12.70
C ALA D 27 -17.26 -0.02 12.53
N ALA D 28 -18.39 0.35 13.13
CA ALA D 28 -19.63 -0.40 13.00
C ALA D 28 -20.15 -0.36 11.57
N GLU D 29 -20.00 0.81 10.94
CA GLU D 29 -20.42 0.98 9.55
C GLU D 29 -19.58 0.11 8.62
N ILE D 30 -18.28 0.11 8.85
CA ILE D 30 -17.36 -0.72 8.08
C ILE D 30 -17.72 -2.20 8.23
N ALA D 31 -18.00 -2.61 9.46
CA ALA D 31 -18.35 -3.99 9.76
C ALA D 31 -19.58 -4.45 8.98
N VAL D 32 -20.69 -3.75 9.19
CA VAL D 32 -21.98 -4.10 8.56
C VAL D 32 -21.88 -4.20 7.04
N ALA D 33 -21.15 -3.27 6.43
CA ALA D 33 -21.07 -3.18 4.98
C ALA D 33 -20.19 -4.27 4.36
N HIS D 34 -19.22 -4.78 5.13
CA HIS D 34 -18.24 -5.68 4.57
C HIS D 34 -18.08 -7.00 5.32
N ALA D 35 -18.93 -7.23 6.32
CA ALA D 35 -18.86 -8.47 7.10
C ALA D 35 -19.08 -9.68 6.20
N HIS D 36 -19.94 -9.49 5.20
CA HIS D 36 -20.25 -10.55 4.24
C HIS D 36 -19.00 -10.94 3.43
N TYR D 37 -18.31 -9.93 2.91
CA TYR D 37 -17.08 -10.15 2.16
C TYR D 37 -15.98 -10.72 3.06
N LEU D 38 -15.81 -10.13 4.24
CA LEU D 38 -14.79 -10.55 5.18
C LEU D 38 -14.95 -12.01 5.60
N SER D 39 -16.19 -12.46 5.70
CA SER D 39 -16.48 -13.84 6.08
C SER D 39 -16.02 -14.82 5.01
N ILE D 40 -16.36 -14.52 3.75
CA ILE D 40 -16.01 -15.39 2.64
C ILE D 40 -14.51 -15.35 2.39
N GLU D 41 -13.91 -14.18 2.61
CA GLU D 41 -12.47 -14.02 2.47
C GLU D 41 -11.75 -14.77 3.58
N PHE D 42 -12.35 -14.77 4.77
CA PHE D 42 -11.82 -15.52 5.90
C PHE D 42 -11.74 -17.00 5.58
N TYR D 43 -12.82 -17.54 5.00
CA TYR D 43 -12.92 -18.97 4.72
C TYR D 43 -11.87 -19.45 3.71
N ARG D 44 -11.69 -18.69 2.63
CA ARG D 44 -10.77 -19.08 1.58
C ARG D 44 -9.32 -19.13 2.06
N ILE D 45 -8.92 -18.11 2.80
CA ILE D 45 -7.55 -18.04 3.32
C ILE D 45 -7.29 -19.09 4.39
N VAL D 46 -8.25 -19.28 5.29
CA VAL D 46 -8.14 -20.24 6.38
C VAL D 46 -8.05 -21.69 5.87
N ARG D 47 -8.90 -22.04 4.92
CA ARG D 47 -9.00 -23.40 4.43
C ARG D 47 -7.72 -23.84 3.69
N ILE D 48 -6.88 -22.87 3.34
CA ILE D 48 -5.59 -23.17 2.71
C ILE D 48 -4.75 -24.04 3.65
N ASP D 49 -4.74 -23.69 4.93
CA ASP D 49 -4.04 -24.48 5.94
C ASP D 49 -4.70 -25.85 6.10
N PRO D 50 -3.92 -26.93 5.92
CA PRO D 50 -4.41 -28.30 6.00
C PRO D 50 -5.05 -28.64 7.34
N HIS D 51 -4.47 -28.12 8.42
CA HIS D 51 -4.96 -28.41 9.77
C HIS D 51 -6.33 -27.77 10.00
N ALA D 52 -6.63 -26.71 9.26
CA ALA D 52 -7.90 -26.01 9.41
C ALA D 52 -8.93 -26.56 8.43
N GLU D 53 -8.46 -27.02 7.28
CA GLU D 53 -9.32 -27.51 6.21
C GLU D 53 -10.09 -28.77 6.63
N GLU D 54 -9.49 -29.55 7.54
CA GLU D 54 -10.10 -30.80 7.97
C GLU D 54 -11.42 -30.57 8.71
N PHE D 55 -11.58 -29.36 9.24
CA PHE D 55 -12.82 -29.00 9.91
C PHE D 55 -13.77 -28.31 8.94
N LEU D 56 -13.22 -27.80 7.84
CA LEU D 56 -14.00 -27.08 6.84
C LEU D 56 -14.04 -27.83 5.51
N SER D 57 -14.66 -29.01 5.51
CA SER D 57 -14.68 -29.85 4.32
C SER D 57 -15.96 -29.69 3.50
N ASN D 58 -17.10 -29.91 4.15
CA ASN D 58 -18.38 -29.90 3.46
C ASN D 58 -18.95 -28.50 3.28
N GLU D 59 -19.94 -28.38 2.39
CA GLU D 59 -20.52 -27.09 2.05
C GLU D 59 -21.40 -26.53 3.16
N GLN D 60 -22.01 -27.44 3.93
CA GLN D 60 -22.93 -27.03 4.99
C GLN D 60 -22.22 -26.29 6.11
N VAL D 61 -21.09 -26.84 6.55
CA VAL D 61 -20.28 -26.21 7.59
C VAL D 61 -19.76 -24.84 7.15
N GLU D 62 -19.38 -24.75 5.87
CA GLU D 62 -18.90 -23.50 5.28
C GLU D 62 -19.90 -22.36 5.43
N ARG D 63 -21.13 -22.60 5.01
CA ARG D 63 -22.18 -21.58 5.04
C ARG D 63 -22.53 -21.17 6.48
N GLN D 64 -22.44 -22.12 7.40
CA GLN D 64 -22.76 -21.85 8.79
C GLN D 64 -21.68 -20.98 9.43
N LEU D 65 -20.42 -21.31 9.15
CA LEU D 65 -19.30 -20.55 9.71
C LEU D 65 -19.28 -19.13 9.14
N LYS D 66 -19.54 -19.01 7.84
CA LYS D 66 -19.59 -17.71 7.19
C LYS D 66 -20.68 -16.83 7.80
N SER D 67 -21.83 -17.42 8.06
CA SER D 67 -22.96 -16.70 8.66
C SER D 67 -22.62 -16.29 10.09
N ALA D 68 -21.97 -17.19 10.83
CA ALA D 68 -21.59 -16.92 12.21
C ALA D 68 -20.48 -15.88 12.28
N MET D 69 -19.56 -15.95 11.31
CA MET D 69 -18.45 -15.01 11.23
C MET D 69 -18.96 -13.58 10.99
N GLU D 70 -19.96 -13.44 10.13
CA GLU D 70 -20.54 -12.13 9.83
C GLU D 70 -21.16 -11.50 11.07
N ARG D 71 -21.93 -12.28 11.81
CA ARG D 71 -22.58 -11.81 13.03
C ARG D 71 -21.55 -11.46 14.10
N TRP D 72 -20.51 -12.26 14.20
CA TRP D 72 -19.46 -12.05 15.18
C TRP D 72 -18.75 -10.70 14.96
N ILE D 73 -18.35 -10.46 13.72
CA ILE D 73 -17.64 -9.23 13.37
C ILE D 73 -18.49 -7.99 13.65
N ILE D 74 -19.76 -8.07 13.27
CA ILE D 74 -20.68 -6.95 13.48
C ILE D 74 -20.88 -6.68 14.98
N ASN D 75 -21.07 -7.74 15.74
CA ASN D 75 -21.27 -7.61 17.19
C ASN D 75 -20.07 -7.02 17.92
N VAL D 76 -18.88 -7.50 17.57
CA VAL D 76 -17.66 -7.06 18.24
C VAL D 76 -17.28 -5.62 17.89
N LEU D 77 -17.41 -5.26 16.61
CA LEU D 77 -16.99 -3.93 16.16
C LEU D 77 -18.04 -2.85 16.46
N SER D 78 -19.29 -3.27 16.66
CA SER D 78 -20.34 -2.33 17.01
C SER D 78 -20.65 -2.42 18.49
N ALA D 79 -19.64 -2.81 19.26
CA ALA D 79 -19.80 -3.01 20.71
C ALA D 79 -20.09 -1.71 21.44
N GLN D 80 -21.13 -1.76 22.27
CA GLN D 80 -21.42 -0.67 23.20
C GLN D 80 -21.07 -1.13 24.61
N VAL D 81 -21.27 -0.27 25.60
CA VAL D 81 -20.99 -0.63 26.98
C VAL D 81 -21.97 -1.74 27.40
N ASP D 82 -23.18 -1.70 26.86
CA ASP D 82 -24.21 -2.69 27.15
C ASP D 82 -23.87 -4.06 26.60
N ASP D 83 -23.04 -4.09 25.56
CA ASP D 83 -22.72 -5.34 24.87
C ASP D 83 -21.56 -6.11 25.49
N VAL D 84 -20.75 -5.42 26.30
CA VAL D 84 -19.52 -6.00 26.83
C VAL D 84 -19.73 -7.32 27.55
N GLU D 85 -20.67 -7.34 28.50
CA GLU D 85 -20.96 -8.56 29.26
C GLU D 85 -21.52 -9.65 28.35
N ARG D 86 -22.40 -9.25 27.43
CA ARG D 86 -23.00 -10.18 26.49
C ARG D 86 -21.95 -10.77 25.55
N LEU D 87 -21.03 -9.94 25.09
CA LEU D 87 -19.97 -10.37 24.18
C LEU D 87 -19.06 -11.41 24.83
N ILE D 88 -18.78 -11.24 26.12
CA ILE D 88 -17.95 -12.19 26.86
C ILE D 88 -18.63 -13.56 26.91
N GLN D 89 -19.94 -13.56 27.11
CA GLN D 89 -20.73 -14.78 27.12
C GLN D 89 -20.65 -15.49 25.77
N ILE D 90 -20.62 -14.69 24.70
CA ILE D 90 -20.52 -15.22 23.34
C ILE D 90 -19.21 -15.97 23.14
N GLN D 91 -18.11 -15.35 23.56
CA GLN D 91 -16.78 -15.94 23.38
C GLN D 91 -16.66 -17.27 24.12
N HIS D 92 -17.31 -17.37 25.28
CA HIS D 92 -17.34 -18.63 26.02
C HIS D 92 -18.11 -19.68 25.24
N THR D 93 -19.24 -19.29 24.67
CA THR D 93 -20.07 -20.18 23.87
C THR D 93 -19.33 -20.70 22.65
N VAL D 94 -18.64 -19.80 21.95
CA VAL D 94 -17.86 -20.17 20.78
C VAL D 94 -16.71 -21.10 21.14
N ALA D 95 -16.05 -20.81 22.26
CA ALA D 95 -14.95 -21.64 22.74
C ALA D 95 -15.42 -23.05 23.04
N GLU D 96 -16.62 -23.16 23.62
CA GLU D 96 -17.22 -24.45 23.93
C GLU D 96 -17.53 -25.22 22.64
N VAL D 97 -18.04 -24.50 21.64
CA VAL D 97 -18.35 -25.11 20.34
C VAL D 97 -17.08 -25.63 19.68
N HIS D 98 -16.05 -24.79 19.66
CA HIS D 98 -14.75 -25.17 19.11
C HIS D 98 -14.16 -26.36 19.87
N ALA D 99 -14.44 -26.43 21.16
CA ALA D 99 -13.98 -27.55 21.99
C ALA D 99 -14.76 -28.81 21.68
N ARG D 100 -16.08 -28.64 21.50
CA ARG D 100 -16.96 -29.75 21.14
C ARG D 100 -16.50 -30.41 19.84
N ILE D 101 -16.13 -29.60 18.86
CA ILE D 101 -15.63 -30.09 17.59
C ILE D 101 -14.24 -30.69 17.77
N GLY D 102 -13.38 -29.99 18.49
CA GLY D 102 -12.03 -30.44 18.75
C GLY D 102 -11.03 -29.62 17.98
N ILE D 103 -11.28 -28.32 17.88
CA ILE D 103 -10.40 -27.42 17.16
C ILE D 103 -9.30 -26.87 18.07
N PRO D 104 -8.04 -27.12 17.71
CA PRO D 104 -6.86 -26.68 18.47
C PRO D 104 -6.83 -25.17 18.67
N VAL D 105 -6.23 -24.73 19.78
CA VAL D 105 -6.19 -23.31 20.12
C VAL D 105 -5.34 -22.51 19.12
N GLU D 106 -4.23 -23.10 18.70
CA GLU D 106 -3.32 -22.42 17.77
C GLU D 106 -3.97 -22.22 16.40
N ILE D 107 -4.95 -23.07 16.09
CA ILE D 107 -5.67 -22.97 14.83
C ILE D 107 -6.69 -21.84 14.86
N VAL D 108 -7.40 -21.72 15.98
CA VAL D 108 -8.40 -20.67 16.14
C VAL D 108 -7.72 -19.29 16.13
N GLU D 109 -6.60 -19.19 16.83
CA GLU D 109 -5.85 -17.93 16.88
C GLU D 109 -5.27 -17.58 15.52
N MET D 110 -5.01 -18.60 14.70
CA MET D 110 -4.55 -18.40 13.33
C MET D 110 -5.66 -17.73 12.53
N GLY D 111 -6.91 -18.06 12.85
CA GLY D 111 -8.05 -17.44 12.22
C GLY D 111 -8.19 -15.98 12.61
N PHE D 112 -7.89 -15.69 13.87
CA PHE D 112 -7.92 -14.32 14.38
C PHE D 112 -6.90 -13.43 13.65
N ARG D 113 -5.74 -14.00 13.37
CA ARG D 113 -4.70 -13.27 12.65
C ARG D 113 -5.13 -12.98 11.22
N VAL D 114 -5.75 -13.97 10.58
CA VAL D 114 -6.27 -13.80 9.23
C VAL D 114 -7.34 -12.71 9.17
N LEU D 115 -8.23 -12.74 10.16
CA LEU D 115 -9.32 -11.77 10.23
C LEU D 115 -8.79 -10.34 10.37
N LYS D 116 -7.82 -10.16 11.26
CA LYS D 116 -7.24 -8.84 11.49
C LYS D 116 -6.46 -8.35 10.27
N LYS D 117 -5.92 -9.29 9.51
CA LYS D 117 -5.13 -8.97 8.33
C LYS D 117 -6.03 -8.47 7.19
N ILE D 118 -7.12 -9.18 6.94
CA ILE D 118 -8.03 -8.85 5.84
C ILE D 118 -8.94 -7.68 6.17
N LEU D 119 -8.97 -7.28 7.43
CA LEU D 119 -9.80 -6.17 7.86
C LEU D 119 -9.18 -4.83 7.46
N TYR D 120 -7.86 -4.78 7.45
CA TYR D 120 -7.13 -3.57 7.13
C TYR D 120 -7.41 -2.99 5.73
N PRO D 121 -7.40 -3.83 4.68
CA PRO D 121 -7.68 -3.23 3.35
C PRO D 121 -9.08 -2.64 3.25
N VAL D 122 -10.03 -3.24 3.97
CA VAL D 122 -11.40 -2.75 3.98
C VAL D 122 -11.47 -1.37 4.62
N ILE D 123 -10.77 -1.21 5.74
CA ILE D 123 -10.71 0.07 6.44
C ILE D 123 -9.91 1.08 5.63
N PHE D 124 -8.84 0.62 5.01
CA PHE D 124 -7.96 1.47 4.21
C PHE D 124 -8.69 2.04 2.99
N SER D 125 -9.59 1.26 2.42
CA SER D 125 -10.31 1.66 1.21
C SER D 125 -11.60 2.42 1.52
N SER D 126 -11.83 2.72 2.78
CA SER D 126 -13.03 3.46 3.18
C SER D 126 -12.95 4.92 2.75
N ASP D 127 -14.08 5.63 2.87
CA ASP D 127 -14.16 7.02 2.43
C ASP D 127 -13.73 7.99 3.52
N TYR D 128 -13.29 7.45 4.64
CA TYR D 128 -12.90 8.27 5.79
C TYR D 128 -11.50 8.81 5.64
N SER D 129 -11.11 9.72 6.51
CA SER D 129 -9.77 10.29 6.49
C SER D 129 -8.74 9.31 7.04
N ALA D 130 -7.47 9.57 6.77
CA ALA D 130 -6.39 8.70 7.23
C ALA D 130 -6.32 8.64 8.75
N ALA D 131 -6.61 9.77 9.39
CA ALA D 131 -6.59 9.85 10.85
C ALA D 131 -7.71 9.02 11.45
N GLU D 132 -8.89 9.08 10.85
CA GLU D 132 -10.03 8.31 11.33
C GLU D 132 -9.82 6.81 11.08
N LYS D 133 -9.19 6.49 9.95
CA LYS D 133 -8.87 5.11 9.62
C LYS D 133 -7.92 4.53 10.65
N LEU D 134 -6.99 5.35 11.14
CA LEU D 134 -6.01 4.93 12.13
C LEU D 134 -6.69 4.57 13.45
N GLN D 135 -7.65 5.39 13.87
CA GLN D 135 -8.35 5.17 15.14
C GLN D 135 -9.35 4.03 15.03
N VAL D 136 -9.99 3.92 13.87
CA VAL D 136 -10.91 2.81 13.61
C VAL D 136 -10.18 1.49 13.61
N TYR D 137 -9.02 1.46 12.95
CA TYR D 137 -8.20 0.26 12.87
C TYR D 137 -7.67 -0.14 14.24
N HIS D 138 -7.30 0.85 15.05
CA HIS D 138 -6.80 0.60 16.39
C HIS D 138 -7.89 -0.03 17.27
N PHE D 139 -9.09 0.54 17.20
CA PHE D 139 -10.21 0.02 17.97
C PHE D 139 -10.60 -1.38 17.50
N SER D 140 -10.53 -1.60 16.20
CA SER D 140 -10.89 -2.90 15.62
C SER D 140 -9.90 -3.98 16.05
N ILE D 141 -8.62 -3.66 16.01
CA ILE D 141 -7.57 -4.62 16.39
C ILE D 141 -7.66 -4.99 17.87
N ASN D 142 -7.78 -3.99 18.73
CA ASN D 142 -7.86 -4.22 20.16
C ASN D 142 -9.09 -4.99 20.57
N SER D 143 -10.20 -4.73 19.88
CA SER D 143 -11.45 -5.44 20.16
C SER D 143 -11.33 -6.93 19.82
N ILE D 144 -10.70 -7.21 18.69
CA ILE D 144 -10.50 -8.60 18.27
C ILE D 144 -9.51 -9.30 19.19
N ASP D 145 -8.50 -8.56 19.65
CA ASP D 145 -7.47 -9.13 20.52
C ASP D 145 -8.03 -9.50 21.89
N ILE D 146 -8.81 -8.61 22.49
CA ILE D 146 -9.39 -8.86 23.81
C ILE D 146 -10.43 -9.98 23.72
N ALA D 147 -11.14 -10.05 22.59
CA ALA D 147 -12.13 -11.09 22.37
C ALA D 147 -11.47 -12.45 22.23
N MET D 148 -10.30 -12.47 21.60
CA MET D 148 -9.54 -13.71 21.43
C MET D 148 -9.03 -14.24 22.76
N GLU D 149 -8.54 -13.34 23.61
CA GLU D 149 -8.02 -13.72 24.92
C GLU D 149 -9.13 -14.31 25.80
N VAL D 150 -10.31 -13.71 25.74
CA VAL D 150 -11.46 -14.21 26.50
C VAL D 150 -11.86 -15.60 25.99
N MET D 151 -11.86 -15.75 24.67
CA MET D 151 -12.22 -17.02 24.05
C MET D 151 -11.20 -18.10 24.37
N THR D 152 -9.91 -17.74 24.30
CA THR D 152 -8.82 -18.68 24.52
C THR D 152 -8.81 -19.24 25.95
N ARG D 153 -8.99 -18.35 26.93
CA ARG D 153 -8.96 -18.77 28.32
C ARG D 153 -10.24 -19.49 28.74
N ALA D 154 -11.22 -19.52 27.84
CA ALA D 154 -12.49 -20.18 28.11
C ALA D 154 -12.47 -21.61 27.58
CHA HEM E . 14.00 23.71 -25.69
CHB HEM E . 11.59 21.15 -29.04
CHC HEM E . 10.03 18.16 -25.56
CHD HEM E . 13.15 20.16 -22.43
C1A HEM E . 13.50 23.28 -26.91
C2A HEM E . 13.74 23.89 -28.20
C3A HEM E . 13.07 23.19 -29.12
C4A HEM E . 12.38 22.10 -28.44
CMA HEM E . 13.03 23.46 -30.63
CAA HEM E . 14.61 25.14 -28.48
CBA HEM E . 16.08 24.81 -28.29
CGA HEM E . 16.92 25.93 -28.86
O1A HEM E . 16.34 26.86 -29.47
O2A HEM E . 18.17 25.87 -28.72
C1B HEM E . 10.96 20.11 -28.38
C2B HEM E . 10.16 19.08 -29.01
C3B HEM E . 9.72 18.24 -28.05
C4B HEM E . 10.24 18.74 -26.79
CMB HEM E . 9.89 19.02 -30.54
CAB HEM E . 8.84 16.97 -28.13
CBB HEM E . 8.36 16.45 -29.27
C1C HEM E . 10.79 18.39 -24.43
C2C HEM E . 10.81 17.56 -23.25
C3C HEM E . 11.67 18.11 -22.38
C4C HEM E . 12.22 19.31 -22.99
CMC HEM E . 9.95 16.28 -23.09
CAC HEM E . 12.09 17.66 -20.95
CBC HEM E . 11.63 16.55 -20.35
C1D HEM E . 13.71 21.27 -23.02
C2D HEM E . 14.78 22.06 -22.45
C3D HEM E . 15.05 23.17 -23.48
C4D HEM E . 14.12 22.94 -24.55
CMD HEM E . 15.49 21.82 -21.10
CAD HEM E . 16.09 24.32 -23.38
CBD HEM E . 15.78 25.20 -22.17
CGD HEM E . 16.72 26.36 -22.14
O1D HEM E . 16.64 27.17 -21.17
O2D HEM E . 17.56 26.49 -23.07
NA HEM E . 12.66 22.20 -27.09
NB HEM E . 11.00 19.87 -27.03
NC HEM E . 11.66 19.44 -24.25
ND HEM E . 13.35 21.82 -24.25
FE HEM E . 12.05 20.94 -25.60
CHA HEM F . -16.63 11.29 -17.76
CHB HEM F . -14.61 14.65 -14.91
CHC HEM F . -10.28 12.73 -15.90
CHD HEM F . -12.42 8.78 -17.70
C1A HEM F . -16.48 12.35 -16.90
C2A HEM F . -17.55 13.16 -16.33
C3A HEM F . -16.98 14.09 -15.55
C4A HEM F . -15.54 13.89 -15.58
CMA HEM F . -17.71 15.18 -14.73
CAA HEM F . -19.06 12.98 -16.60
CBA HEM F . -19.73 12.32 -15.40
CGA HEM F . -21.23 12.40 -15.58
O1A HEM F . -21.68 12.92 -16.64
O2A HEM F . -21.97 11.95 -14.68
C1B HEM F . -13.25 14.42 -14.90
C2B HEM F . -12.25 15.14 -14.13
C3B HEM F . -11.05 14.60 -14.40
C4B HEM F . -11.25 13.53 -15.36
CMB HEM F . -12.60 16.30 -13.17
CAB HEM F . -9.64 14.97 -13.87
CBB HEM F . -9.38 15.93 -12.97
C1C HEM F . -10.47 11.45 -16.36
C2C HEM F . -9.48 10.40 -16.42
C3C HEM F . -10.07 9.30 -16.93
C4C HEM F . -11.47 9.63 -17.19
CMC HEM F . -8.01 10.59 -15.98
CAC HEM F . -9.48 7.89 -17.22
CBC HEM F . -8.22 7.53 -16.97
C1D HEM F . -13.76 9.06 -17.88
C2D HEM F . -14.76 8.13 -18.37
C3D HEM F . -16.08 8.92 -18.40
C4D HEM F . -15.75 10.24 -17.91
CMD HEM F . -14.53 6.66 -18.78
CAD HEM F . -17.48 8.43 -18.83
CBD HEM F . -17.47 7.93 -20.27
CGD HEM F . -18.88 7.65 -20.73
O1D HEM F . -19.04 7.01 -21.79
O2D HEM F . -19.83 8.07 -20.02
NA HEM F . -15.28 12.83 -16.42
NB HEM F . -12.60 13.44 -15.64
NC HEM F . -11.67 10.95 -16.83
ND HEM F . -14.38 10.28 -17.63
FE HEM F . -13.47 11.92 -16.76
CHA HEM G . 12.63 -15.33 27.46
CHB HEM G . 8.93 -14.64 30.53
CHC HEM G . 6.28 -13.12 26.78
CHD HEM G . 10.28 -12.69 24.08
C1A HEM G . 11.89 -15.29 28.63
C2A HEM G . 12.33 -15.64 29.96
C3A HEM G . 11.31 -15.46 30.80
C4A HEM G . 10.18 -14.96 30.04
CMA HEM G . 11.32 -15.71 32.33
CAA HEM G . 13.75 -16.16 30.29
CBA HEM G . 14.58 -15.10 31.01
CGA HEM G . 16.02 -15.51 31.00
O1A HEM G . 16.78 -15.07 31.90
O2A HEM G . 16.41 -16.29 30.09
C1B HEM G . 7.88 -14.16 29.79
C2B HEM G . 6.56 -13.81 30.29
C3B HEM G . 5.83 -13.40 29.24
C4B HEM G . 6.66 -13.46 28.06
CMB HEM G . 6.16 -13.93 31.78
CAB HEM G . 4.36 -12.89 29.18
CBB HEM G . 3.56 -12.72 30.24
C1C HEM G . 7.13 -12.77 25.77
C2C HEM G . 6.80 -11.99 24.59
C3C HEM G . 7.91 -11.87 23.85
C4C HEM G . 8.97 -12.58 24.53
CMC HEM G . 5.38 -11.42 24.34
CAC HEM G . 8.13 -11.14 22.49
CBC HEM G . 7.18 -10.44 21.85
C1D HEM G . 11.31 -13.32 24.76
C2D HEM G . 12.69 -13.33 24.34
C3D HEM G . 13.43 -14.16 25.39
C4D HEM G . 12.42 -14.57 26.34
CMD HEM G . 13.30 -12.64 23.09
CAD HEM G . 14.94 -14.49 25.43
CBD HEM G . 15.13 -15.95 25.04
CGD HEM G . 16.59 -16.23 24.80
O1D HEM G . 16.91 -17.35 24.34
O2D HEM G . 17.43 -15.32 25.07
NA HEM G . 10.57 -14.88 28.71
NB HEM G . 7.90 -13.95 28.43
NC HEM G . 8.47 -13.11 25.69
ND HEM G . 11.19 -14.06 25.93
FE HEM G . 9.51 -14.14 27.13
CHA HEM H . -18.28 -22.10 15.00
CHB HEM H . -14.28 -23.61 12.70
CHC HEM H . -12.00 -19.62 14.23
CHD HEM H . -16.26 -17.65 15.45
C1A HEM H . -17.42 -22.85 14.23
C2A HEM H . -17.73 -24.09 13.55
C3A HEM H . -16.63 -24.51 12.92
C4A HEM H . -15.58 -23.55 13.17
CMA HEM H . -16.47 -25.79 12.07
CAA HEM H . -19.11 -24.79 13.57
CBA HEM H . -19.81 -24.67 12.22
CGA HEM H . -21.16 -25.34 12.29
O1A HEM H . -21.67 -25.54 13.41
O2A HEM H . -21.71 -25.68 11.21
C1B HEM H . -13.31 -22.66 12.89
C2B HEM H . -11.98 -22.66 12.32
C3B HEM H . -11.34 -21.55 12.75
C4B HEM H . -12.26 -20.82 13.59
CMB HEM H . -11.45 -23.79 11.40
CAB HEM H . -9.90 -21.04 12.46
CBB HEM H . -9.02 -21.65 11.64
C1C HEM H . -12.96 -18.70 14.58
C2C HEM H . -12.76 -17.27 14.74
C3C HEM H . -13.94 -16.72 15.08
C4C HEM H . -14.92 -17.79 15.14
CMC HEM H . -11.39 -16.59 14.53
CAC HEM H . -14.30 -15.23 15.37
CBC HEM H . -13.44 -14.23 15.33
C1D HEM H . -17.21 -18.65 15.45
C2D HEM H . -18.61 -18.48 15.78
C3D HEM H . -19.24 -19.87 15.64
C4D HEM H . -18.16 -20.74 15.24
CMD HEM H . -19.30 -17.14 16.19
CAD HEM H . -20.71 -20.29 15.87
CBD HEM H . -21.15 -19.98 17.30
CGD HEM H . -22.45 -20.68 17.58
O1D HEM H . -23.08 -20.38 18.63
O2D HEM H . -22.87 -21.54 16.77
NA HEM H . -16.10 -22.55 13.98
NB HEM H . -13.45 -21.51 13.65
NC HEM H . -14.29 -18.97 14.83
ND HEM H . -16.99 -19.99 15.14
FE HEM H . -15.19 -20.79 14.50
#